data_7F8M
#
_entry.id   7F8M
#
_cell.length_a   58.982
_cell.length_b   58.982
_cell.length_c   193.952
_cell.angle_alpha   90.000
_cell.angle_beta   90.000
_cell.angle_gamma   120.000
#
_symmetry.space_group_name_H-M   'P 31'
#
loop_
_entity.id
_entity.type
_entity.pdbx_description
1 polymer 'Robl_LC7 domain-containing protein'
2 water water
#
_entity_poly.entity_id   1
_entity_poly.type   'polypeptide(L)'
_entity_poly.pdbx_seq_one_letter_code
;MSSAVDNINKTIRDFETVPGVEGAALVSADGLMISSALPETEQERVAAISAGLLSLGEKATTELDRGNFKEVYVKGEKGY
TLLTSVGENALLLVLAKADAQIGLIFVDMRRIADSLLEIL
;
_entity_poly.pdbx_strand_id   A,B,C,D,E,F
#
# COMPACT_ATOMS: atom_id res chain seq x y z
N ALA A 4 -32.73 -4.34 15.64
CA ALA A 4 -31.26 -4.28 15.44
C ALA A 4 -30.91 -3.19 14.43
N VAL A 5 -31.80 -2.89 13.47
CA VAL A 5 -31.45 -2.05 12.28
C VAL A 5 -31.91 -0.59 12.51
N ASP A 6 -33.05 -0.38 13.13
CA ASP A 6 -33.56 0.98 13.51
C ASP A 6 -32.59 1.70 14.47
N ASN A 7 -32.10 0.96 15.48
CA ASN A 7 -31.21 1.39 16.60
C ASN A 7 -29.77 1.65 16.13
N ILE A 8 -29.25 0.91 15.15
CA ILE A 8 -27.91 1.17 14.55
C ILE A 8 -27.90 2.47 13.72
N ASN A 9 -28.80 2.64 12.74
CA ASN A 9 -28.94 3.88 11.92
C ASN A 9 -28.93 5.13 12.82
N LYS A 10 -29.75 5.17 13.89
CA LYS A 10 -29.98 6.40 14.68
C LYS A 10 -28.73 6.71 15.55
N THR A 11 -28.07 5.69 16.10
CA THR A 11 -26.82 5.79 16.92
C THR A 11 -25.70 6.44 16.08
N ILE A 12 -25.59 6.09 14.78
CA ILE A 12 -24.45 6.60 13.95
C ILE A 12 -24.75 8.07 13.60
N ARG A 13 -25.98 8.42 13.24
CA ARG A 13 -26.27 9.83 12.85
C ARG A 13 -26.15 10.76 14.08
N ASP A 14 -26.39 10.26 15.30
CA ASP A 14 -26.40 11.11 16.52
C ASP A 14 -25.02 11.73 16.75
N PHE A 15 -23.94 11.13 16.24
CA PHE A 15 -22.55 11.66 16.34
C PHE A 15 -22.50 13.06 15.73
N GLU A 16 -23.24 13.29 14.64
CA GLU A 16 -23.29 14.58 13.87
C GLU A 16 -24.05 15.68 14.66
N THR A 17 -24.44 15.45 15.93
CA THR A 17 -24.99 16.46 16.87
C THR A 17 -23.92 16.95 17.86
N VAL A 18 -22.65 16.53 17.72
CA VAL A 18 -21.47 17.10 18.46
C VAL A 18 -20.95 18.30 17.70
N PRO A 19 -20.56 19.39 18.40
CA PRO A 19 -19.87 20.50 17.75
C PRO A 19 -18.65 19.91 17.01
N GLY A 20 -18.50 20.25 15.73
CA GLY A 20 -17.26 19.90 15.00
C GLY A 20 -17.35 18.63 14.15
N VAL A 21 -18.34 17.74 14.36
CA VAL A 21 -18.43 16.42 13.64
C VAL A 21 -19.28 16.62 12.39
N GLU A 22 -18.74 16.26 11.23
CA GLU A 22 -19.37 16.50 9.91
C GLU A 22 -20.16 15.23 9.56
N GLY A 23 -19.46 14.09 9.46
CA GLY A 23 -20.02 12.77 9.10
C GLY A 23 -19.62 11.63 10.06
N ALA A 24 -20.42 10.55 10.07
CA ALA A 24 -20.09 9.25 10.74
C ALA A 24 -20.63 8.05 9.93
N ALA A 25 -19.76 7.12 9.55
CA ALA A 25 -20.17 5.98 8.73
C ALA A 25 -19.71 4.72 9.43
N LEU A 26 -20.60 3.72 9.51
CA LEU A 26 -20.24 2.35 9.96
C LEU A 26 -19.95 1.50 8.70
N VAL A 27 -18.73 1.03 8.55
CA VAL A 27 -18.22 0.41 7.32
C VAL A 27 -17.73 -0.98 7.70
N SER A 28 -17.89 -1.96 6.81
CA SER A 28 -17.27 -3.30 7.01
CA SER A 28 -17.27 -3.30 6.98
C SER A 28 -15.74 -3.16 6.87
N ALA A 29 -14.98 -4.14 7.40
CA ALA A 29 -13.51 -4.30 7.27
C ALA A 29 -13.09 -4.42 5.79
N ASP A 30 -13.98 -4.94 4.92
CA ASP A 30 -13.62 -5.22 3.51
C ASP A 30 -14.11 -4.11 2.58
N GLY A 31 -14.53 -2.95 3.11
CA GLY A 31 -14.71 -1.72 2.33
C GLY A 31 -16.15 -1.38 1.92
N LEU A 32 -17.17 -2.06 2.46
CA LEU A 32 -18.60 -1.98 2.04
C LEU A 32 -19.31 -1.15 3.12
N MET A 33 -20.23 -0.23 2.72
CA MET A 33 -21.01 0.69 3.61
C MET A 33 -22.17 -0.04 4.32
N ILE A 34 -22.21 0.02 5.65
CA ILE A 34 -23.27 -0.52 6.53
C ILE A 34 -24.33 0.56 6.81
N SER A 35 -23.97 1.71 7.40
CA SER A 35 -24.96 2.75 7.81
C SER A 35 -24.34 4.14 7.87
N SER A 36 -24.87 5.07 7.09
CA SER A 36 -24.25 6.41 6.94
C SER A 36 -25.33 7.48 6.86
N ALA A 37 -24.96 8.72 7.19
CA ALA A 37 -25.76 9.94 6.92
C ALA A 37 -25.01 10.91 5.98
N LEU A 38 -23.79 10.55 5.51
CA LEU A 38 -22.95 11.36 4.56
C LEU A 38 -23.69 11.55 3.23
N PRO A 39 -23.30 12.55 2.39
CA PRO A 39 -23.88 12.71 1.05
C PRO A 39 -23.91 11.42 0.20
N GLU A 40 -25.03 11.18 -0.47
CA GLU A 40 -25.39 9.91 -1.16
C GLU A 40 -24.42 9.61 -2.32
N THR A 41 -23.85 10.65 -2.91
CA THR A 41 -22.80 10.55 -3.96
C THR A 41 -21.57 9.79 -3.43
N GLU A 42 -20.95 10.28 -2.35
CA GLU A 42 -19.56 9.92 -1.89
C GLU A 42 -19.51 8.57 -1.15
N GLN A 43 -20.64 7.88 -0.95
CA GLN A 43 -20.78 6.79 0.07
C GLN A 43 -19.95 5.57 -0.36
N GLU A 44 -19.77 5.33 -1.66
CA GLU A 44 -19.03 4.16 -2.21
C GLU A 44 -17.52 4.40 -2.12
N ARG A 45 -17.02 5.65 -2.32
CA ARG A 45 -15.56 5.97 -2.37
C ARG A 45 -14.99 6.18 -0.96
N VAL A 46 -15.80 6.64 -0.01
CA VAL A 46 -15.43 6.84 1.42
C VAL A 46 -15.31 5.49 2.13
N ALA A 47 -16.23 4.56 1.87
CA ALA A 47 -16.14 3.18 2.42
C ALA A 47 -14.87 2.49 1.89
N ALA A 48 -14.51 2.59 0.60
CA ALA A 48 -13.21 2.08 0.05
C ALA A 48 -11.97 2.71 0.75
N ILE A 49 -11.88 4.03 0.99
CA ILE A 49 -10.78 4.72 1.73
C ILE A 49 -10.74 4.31 3.20
N SER A 50 -11.89 4.14 3.85
CA SER A 50 -11.91 3.73 5.26
C SER A 50 -11.13 2.42 5.43
N ALA A 51 -11.42 1.40 4.65
CA ALA A 51 -10.81 0.06 4.74
C ALA A 51 -9.30 0.19 4.47
N GLY A 52 -8.94 1.13 3.59
CA GLY A 52 -7.51 1.42 3.31
C GLY A 52 -6.77 1.93 4.52
N LEU A 53 -7.40 2.82 5.30
CA LEU A 53 -6.85 3.36 6.59
C LEU A 53 -6.85 2.31 7.69
N LEU A 54 -7.75 1.33 7.63
CA LEU A 54 -7.76 0.29 8.67
C LEU A 54 -6.54 -0.61 8.46
N SER A 55 -6.24 -0.99 7.22
CA SER A 55 -5.19 -1.96 6.82
C SER A 55 -3.80 -1.42 7.15
N LEU A 56 -3.60 -0.11 7.08
N LEU A 56 -3.60 -0.11 6.96
CA LEU A 56 -2.25 0.50 7.24
CA LEU A 56 -2.31 0.60 7.23
C LEU A 56 -2.01 0.93 8.71
C LEU A 56 -2.06 0.65 8.74
N GLY A 57 -3.08 1.06 9.52
CA GLY A 57 -3.05 1.03 10.99
C GLY A 57 -2.67 -0.33 11.59
N GLU A 58 -3.24 -1.42 11.06
CA GLU A 58 -2.83 -2.84 11.28
C GLU A 58 -1.32 -2.97 11.07
N LYS A 59 -0.77 -2.46 9.97
CA LYS A 59 0.70 -2.58 9.67
C LYS A 59 1.52 -1.88 10.75
N ALA A 60 1.14 -0.66 11.13
CA ALA A 60 1.86 0.11 12.13
C ALA A 60 2.05 -0.77 13.38
N THR A 61 0.94 -1.31 13.91
CA THR A 61 0.85 -2.00 15.23
C THR A 61 1.59 -3.35 15.16
N THR A 62 1.30 -4.20 14.20
CA THR A 62 2.08 -5.45 13.97
C THR A 62 3.57 -5.08 13.87
N GLU A 63 3.94 -4.23 12.94
CA GLU A 63 5.35 -4.14 12.52
C GLU A 63 6.24 -3.57 13.61
N LEU A 64 5.73 -2.65 14.46
CA LEU A 64 6.47 -2.01 15.60
C LEU A 64 6.11 -2.63 16.96
N ASP A 65 5.48 -3.82 17.01
CA ASP A 65 5.31 -4.56 18.30
C ASP A 65 4.44 -3.75 19.29
N ARG A 66 3.21 -3.35 18.95
CA ARG A 66 2.36 -2.42 19.76
C ARG A 66 1.07 -3.08 20.25
N GLY A 67 0.77 -4.32 19.85
CA GLY A 67 -0.44 -5.08 20.25
C GLY A 67 -1.53 -4.99 19.22
N ASN A 68 -2.66 -5.68 19.47
CA ASN A 68 -3.81 -5.79 18.53
C ASN A 68 -4.34 -4.38 18.28
N PHE A 69 -4.69 -4.05 17.02
CA PHE A 69 -5.09 -2.70 16.55
C PHE A 69 -6.32 -2.20 17.34
N LYS A 70 -6.35 -0.92 17.69
CA LYS A 70 -7.54 -0.30 18.34
C LYS A 70 -8.08 0.84 17.48
N GLU A 71 -7.30 1.90 17.33
CA GLU A 71 -7.76 3.23 16.85
C GLU A 71 -6.73 3.84 15.91
N VAL A 72 -7.15 4.72 15.03
CA VAL A 72 -6.15 5.53 14.28
C VAL A 72 -6.77 6.89 13.94
N TYR A 73 -5.99 7.96 14.02
CA TYR A 73 -6.42 9.30 13.55
C TYR A 73 -5.30 9.99 12.78
N VAL A 74 -5.71 10.73 11.75
CA VAL A 74 -4.82 11.57 10.93
C VAL A 74 -5.26 13.03 11.03
N LYS A 75 -4.37 13.89 11.37
CA LYS A 75 -4.66 15.35 11.36
C LYS A 75 -4.06 15.94 10.07
N GLY A 76 -4.88 16.59 9.25
CA GLY A 76 -4.40 17.50 8.18
C GLY A 76 -4.54 18.97 8.58
N GLU A 77 -4.39 19.87 7.61
CA GLU A 77 -4.54 21.35 7.75
C GLU A 77 -6.00 21.72 8.06
N LYS A 78 -6.98 21.05 7.44
CA LYS A 78 -8.40 21.50 7.41
C LYS A 78 -9.24 20.67 8.38
N GLY A 79 -8.77 19.47 8.76
CA GLY A 79 -9.60 18.61 9.63
C GLY A 79 -9.00 17.27 10.01
N TYR A 80 -9.70 16.53 10.88
CA TYR A 80 -9.29 15.20 11.37
C TYR A 80 -10.07 14.11 10.64
N THR A 81 -9.44 12.97 10.45
CA THR A 81 -10.12 11.68 10.19
C THR A 81 -9.88 10.71 11.35
N LEU A 82 -10.92 10.09 11.92
CA LEU A 82 -10.88 9.36 13.21
C LEU A 82 -11.50 7.98 12.97
N LEU A 83 -10.81 6.90 13.40
CA LEU A 83 -11.24 5.53 13.07
C LEU A 83 -11.01 4.62 14.26
N THR A 84 -12.01 3.85 14.59
CA THR A 84 -11.98 2.89 15.70
C THR A 84 -12.52 1.59 15.18
N SER A 85 -11.86 0.50 15.51
CA SER A 85 -12.31 -0.89 15.30
C SER A 85 -13.58 -1.22 16.09
N VAL A 86 -14.49 -1.99 15.49
CA VAL A 86 -15.76 -2.59 16.01
C VAL A 86 -15.64 -4.12 16.06
N GLY A 87 -14.80 -4.58 16.97
CA GLY A 87 -14.36 -5.98 17.01
C GLY A 87 -13.75 -6.42 15.69
N GLU A 88 -14.14 -7.60 15.24
CA GLU A 88 -13.66 -8.12 13.96
C GLU A 88 -14.69 -7.62 12.96
N ASN A 89 -14.26 -7.43 11.71
CA ASN A 89 -15.14 -7.40 10.53
C ASN A 89 -15.83 -6.04 10.42
N ALA A 90 -15.58 -5.08 11.32
CA ALA A 90 -16.24 -3.78 11.18
C ALA A 90 -15.46 -2.58 11.78
N LEU A 91 -15.89 -1.36 11.46
CA LEU A 91 -15.11 -0.18 11.92
C LEU A 91 -16.01 1.06 11.83
N LEU A 92 -15.78 2.04 12.72
CA LEU A 92 -16.53 3.31 12.83
C LEU A 92 -15.63 4.46 12.43
N LEU A 93 -16.09 5.27 11.50
CA LEU A 93 -15.37 6.46 11.00
C LEU A 93 -16.09 7.71 11.49
N VAL A 94 -15.32 8.73 11.91
CA VAL A 94 -15.81 10.12 12.15
C VAL A 94 -14.87 11.07 11.42
N LEU A 95 -15.42 12.02 10.67
CA LEU A 95 -14.71 13.21 10.17
C LEU A 95 -15.02 14.35 11.16
N ALA A 96 -14.03 15.18 11.48
CA ALA A 96 -14.21 16.41 12.30
C ALA A 96 -13.38 17.55 11.73
N LYS A 97 -13.55 18.80 12.19
CA LYS A 97 -12.59 19.91 11.90
C LYS A 97 -11.71 20.25 13.10
N ALA A 98 -10.63 21.00 12.83
CA ALA A 98 -9.46 21.21 13.72
C ALA A 98 -9.88 21.68 15.14
N ASP A 99 -11.13 22.14 15.34
CA ASP A 99 -11.64 22.73 16.61
C ASP A 99 -12.37 21.68 17.46
N ALA A 100 -12.50 20.46 16.95
CA ALA A 100 -13.10 19.33 17.68
C ALA A 100 -12.16 18.81 18.78
N GLN A 101 -12.77 18.11 19.75
CA GLN A 101 -12.21 17.79 21.09
C GLN A 101 -11.91 16.30 21.06
N ILE A 102 -10.82 15.95 20.35
CA ILE A 102 -10.57 14.60 19.78
C ILE A 102 -10.49 13.56 20.91
N GLY A 103 -9.91 13.88 22.06
CA GLY A 103 -9.65 12.85 23.09
C GLY A 103 -10.95 12.25 23.59
N LEU A 104 -12.04 13.02 23.60
CA LEU A 104 -13.33 12.62 24.24
C LEU A 104 -14.18 11.90 23.20
N ILE A 105 -14.01 12.28 21.94
CA ILE A 105 -14.75 11.56 20.85
C ILE A 105 -14.30 10.11 20.83
N PHE A 106 -13.01 9.85 21.09
CA PHE A 106 -12.47 8.46 21.16
C PHE A 106 -13.07 7.67 22.33
N VAL A 107 -13.33 8.37 23.45
CA VAL A 107 -14.05 7.73 24.58
C VAL A 107 -15.51 7.37 24.18
N ASP A 108 -16.31 8.26 23.53
CA ASP A 108 -17.68 7.99 22.99
C ASP A 108 -17.60 6.87 21.90
N MET A 109 -16.60 6.96 21.02
CA MET A 109 -16.45 6.03 19.88
C MET A 109 -16.25 4.65 20.52
N ARG A 110 -15.45 4.55 21.63
CA ARG A 110 -15.03 3.23 22.22
C ARG A 110 -16.29 2.53 22.80
N ARG A 111 -17.09 3.26 23.57
CA ARG A 111 -18.35 2.77 24.20
C ARG A 111 -19.37 2.32 23.13
N ILE A 112 -19.59 3.12 22.06
CA ILE A 112 -20.64 2.90 21.01
C ILE A 112 -20.27 1.70 20.12
N ALA A 113 -18.98 1.50 19.89
CA ALA A 113 -18.37 0.33 19.19
C ALA A 113 -18.88 -0.96 19.82
N ASP A 114 -18.79 -1.05 21.15
CA ASP A 114 -19.16 -2.27 21.93
C ASP A 114 -20.69 -2.39 22.01
N SER A 115 -21.41 -1.26 21.87
CA SER A 115 -22.90 -1.19 21.81
C SER A 115 -23.35 -1.76 20.45
N LEU A 116 -22.81 -1.21 19.36
CA LEU A 116 -23.06 -1.68 17.97
C LEU A 116 -22.59 -3.16 17.81
N LEU A 117 -21.50 -3.59 18.45
CA LEU A 117 -20.95 -4.99 18.49
C LEU A 117 -22.00 -6.03 18.95
N GLU A 118 -22.83 -5.69 19.93
CA GLU A 118 -23.90 -6.59 20.43
C GLU A 118 -25.04 -6.67 19.39
N ILE A 119 -25.53 -5.53 18.85
CA ILE A 119 -26.78 -5.46 18.01
C ILE A 119 -26.44 -5.60 16.51
N LEU A 120 -25.22 -6.10 16.20
CA LEU A 120 -24.66 -6.22 14.83
C LEU A 120 -23.65 -7.37 14.83
N MET B 1 -36.27 -28.30 15.76
CA MET B 1 -36.45 -28.40 17.26
C MET B 1 -37.41 -27.31 17.78
N SER B 2 -38.71 -27.60 17.66
CA SER B 2 -39.81 -26.99 18.45
C SER B 2 -39.76 -25.45 18.42
N SER B 3 -39.17 -24.87 19.50
CA SER B 3 -38.92 -23.42 19.80
C SER B 3 -37.62 -22.92 19.15
N ALA B 4 -36.57 -23.73 19.09
CA ALA B 4 -35.41 -23.38 18.22
C ALA B 4 -35.89 -23.27 16.76
N VAL B 5 -36.90 -24.03 16.34
CA VAL B 5 -37.51 -23.97 14.98
C VAL B 5 -38.22 -22.62 14.78
N ASP B 6 -38.74 -22.08 15.87
CA ASP B 6 -39.35 -20.73 15.98
C ASP B 6 -38.23 -19.69 15.80
N ASN B 7 -37.16 -19.84 16.57
CA ASN B 7 -35.98 -18.93 16.54
C ASN B 7 -35.34 -18.92 15.13
N ILE B 8 -35.35 -20.03 14.37
CA ILE B 8 -34.80 -20.07 12.96
C ILE B 8 -35.70 -19.19 12.07
N ASN B 9 -37.02 -19.41 12.12
CA ASN B 9 -38.04 -18.67 11.35
C ASN B 9 -38.03 -17.16 11.68
N LYS B 10 -37.96 -16.73 12.95
CA LYS B 10 -37.93 -15.27 13.29
C LYS B 10 -36.54 -14.63 12.97
N THR B 11 -35.42 -15.25 13.30
CA THR B 11 -34.09 -14.69 12.86
C THR B 11 -34.16 -14.31 11.36
N ILE B 12 -34.65 -15.22 10.50
CA ILE B 12 -34.85 -15.05 9.03
C ILE B 12 -35.92 -13.98 8.66
N ARG B 13 -37.11 -13.95 9.34
CA ARG B 13 -38.24 -13.06 8.91
C ARG B 13 -37.96 -11.63 9.38
N ASP B 14 -37.21 -11.46 10.49
CA ASP B 14 -36.82 -10.10 10.90
C ASP B 14 -35.85 -9.56 9.85
N PHE B 15 -35.03 -10.45 9.26
CA PHE B 15 -33.98 -10.09 8.27
C PHE B 15 -34.70 -9.53 7.06
N GLU B 16 -35.82 -10.20 6.70
CA GLU B 16 -36.57 -9.93 5.44
C GLU B 16 -37.17 -8.53 5.51
N THR B 17 -37.25 -7.97 6.72
CA THR B 17 -37.82 -6.63 6.93
C THR B 17 -36.76 -5.53 6.74
N VAL B 18 -35.48 -5.84 6.58
CA VAL B 18 -34.46 -4.78 6.43
C VAL B 18 -34.59 -4.23 5.02
N PRO B 19 -34.57 -2.87 4.83
CA PRO B 19 -34.79 -2.28 3.51
C PRO B 19 -33.84 -2.93 2.49
N GLY B 20 -34.40 -3.63 1.50
CA GLY B 20 -33.68 -4.09 0.29
C GLY B 20 -33.64 -5.60 0.12
N VAL B 21 -34.04 -6.35 1.14
CA VAL B 21 -34.16 -7.84 1.09
C VAL B 21 -35.53 -8.20 0.47
N GLU B 22 -35.53 -8.87 -0.69
CA GLU B 22 -36.74 -9.51 -1.32
C GLU B 22 -37.10 -10.88 -0.69
N GLY B 23 -36.17 -11.69 -0.15
CA GLY B 23 -36.50 -13.03 0.39
C GLY B 23 -35.29 -13.72 1.03
N ALA B 24 -35.46 -14.80 1.81
CA ALA B 24 -34.36 -15.62 2.37
C ALA B 24 -34.80 -17.08 2.55
N ALA B 25 -33.89 -18.05 2.48
CA ALA B 25 -34.21 -19.48 2.67
C ALA B 25 -32.98 -20.29 3.05
N LEU B 26 -33.08 -21.01 4.16
CA LEU B 26 -32.03 -21.94 4.61
C LEU B 26 -32.37 -23.29 4.01
N VAL B 27 -31.44 -23.92 3.32
CA VAL B 27 -31.70 -25.16 2.55
C VAL B 27 -30.68 -26.17 3.08
N SER B 28 -30.96 -27.47 3.00
CA SER B 28 -29.94 -28.50 3.26
C SER B 28 -29.20 -28.80 1.97
N ALA B 29 -27.93 -29.19 2.08
CA ALA B 29 -26.97 -29.44 0.98
C ALA B 29 -27.58 -30.43 -0.04
N ASP B 30 -28.33 -31.42 0.46
CA ASP B 30 -28.90 -32.49 -0.39
C ASP B 30 -29.93 -31.84 -1.35
N GLY B 31 -30.61 -30.76 -0.94
CA GLY B 31 -31.70 -30.11 -1.72
C GLY B 31 -33.06 -30.11 -0.97
N LEU B 32 -33.07 -30.36 0.33
CA LEU B 32 -34.33 -30.29 1.10
C LEU B 32 -34.35 -28.96 1.83
N MET B 33 -35.50 -28.29 1.82
CA MET B 33 -35.72 -26.99 2.51
C MET B 33 -35.68 -27.18 4.04
N ILE B 34 -35.29 -26.11 4.75
CA ILE B 34 -35.18 -26.08 6.23
C ILE B 34 -36.12 -25.00 6.75
N SER B 35 -36.12 -23.81 6.18
CA SER B 35 -36.97 -22.69 6.65
C SER B 35 -37.12 -21.63 5.55
N SER B 36 -38.34 -21.14 5.32
CA SER B 36 -38.71 -20.21 4.23
C SER B 36 -40.14 -19.68 4.43
N ALA B 37 -40.47 -18.55 3.85
CA ALA B 37 -41.81 -17.96 3.96
C ALA B 37 -42.62 -18.11 2.65
N LEU B 38 -42.15 -18.84 1.64
CA LEU B 38 -42.81 -18.97 0.29
C LEU B 38 -43.92 -20.04 0.36
N PRO B 39 -44.76 -20.20 -0.69
CA PRO B 39 -45.68 -21.37 -0.78
C PRO B 39 -44.90 -22.68 -1.06
N GLU B 40 -45.49 -23.84 -0.77
CA GLU B 40 -44.73 -25.12 -0.79
C GLU B 40 -44.44 -25.64 -2.21
N THR B 41 -44.80 -24.90 -3.28
CA THR B 41 -44.42 -25.23 -4.70
C THR B 41 -43.17 -24.44 -5.14
N GLU B 42 -42.92 -23.28 -4.49
CA GLU B 42 -41.71 -22.42 -4.63
C GLU B 42 -40.56 -22.91 -3.74
N GLN B 43 -40.87 -23.48 -2.58
CA GLN B 43 -39.84 -24.04 -1.67
C GLN B 43 -39.15 -25.23 -2.36
N GLU B 44 -39.86 -26.26 -2.85
CA GLU B 44 -39.17 -27.45 -3.43
C GLU B 44 -38.34 -27.08 -4.67
N ARG B 45 -38.69 -25.99 -5.39
CA ARG B 45 -37.98 -25.49 -6.62
C ARG B 45 -36.83 -24.51 -6.28
N VAL B 46 -37.01 -23.64 -5.29
CA VAL B 46 -35.90 -22.78 -4.78
C VAL B 46 -34.83 -23.67 -4.16
N ALA B 47 -35.22 -24.74 -3.47
CA ALA B 47 -34.29 -25.74 -2.88
C ALA B 47 -33.52 -26.48 -4.00
N ALA B 48 -34.17 -26.92 -5.10
CA ALA B 48 -33.47 -27.65 -6.18
C ALA B 48 -32.42 -26.75 -6.88
N ILE B 49 -32.73 -25.46 -7.05
CA ILE B 49 -31.82 -24.44 -7.65
C ILE B 49 -30.61 -24.17 -6.73
N SER B 50 -30.82 -24.05 -5.41
CA SER B 50 -29.85 -23.67 -4.35
C SER B 50 -28.82 -24.77 -4.18
N ALA B 51 -29.24 -26.01 -3.99
CA ALA B 51 -28.33 -27.19 -3.99
C ALA B 51 -27.48 -27.29 -5.26
N GLY B 52 -27.94 -26.78 -6.40
CA GLY B 52 -27.25 -26.89 -7.70
C GLY B 52 -26.21 -25.80 -7.94
N LEU B 53 -26.37 -24.62 -7.30
CA LEU B 53 -25.35 -23.53 -7.11
C LEU B 53 -24.18 -24.00 -6.21
N LEU B 54 -24.42 -24.65 -5.06
CA LEU B 54 -23.39 -25.15 -4.11
C LEU B 54 -22.47 -26.16 -4.79
N SER B 55 -23.06 -27.12 -5.55
CA SER B 55 -22.22 -28.06 -6.33
C SER B 55 -21.29 -27.26 -7.23
N LEU B 56 -21.79 -26.31 -8.00
CA LEU B 56 -20.90 -25.56 -8.92
C LEU B 56 -19.93 -24.66 -8.14
N GLY B 57 -20.33 -24.01 -7.02
CA GLY B 57 -19.45 -23.31 -6.07
C GLY B 57 -18.30 -24.16 -5.55
N GLU B 58 -18.57 -25.40 -5.16
CA GLU B 58 -17.57 -26.30 -4.55
C GLU B 58 -16.56 -26.66 -5.62
N LYS B 59 -17.01 -26.78 -6.88
CA LYS B 59 -16.15 -27.22 -7.99
C LYS B 59 -15.28 -26.08 -8.55
N ALA B 60 -15.76 -24.84 -8.51
CA ALA B 60 -14.98 -23.62 -8.79
C ALA B 60 -13.83 -23.47 -7.78
N THR B 61 -13.92 -23.96 -6.51
CA THR B 61 -12.90 -23.72 -5.42
C THR B 61 -11.72 -24.72 -5.53
N THR B 62 -11.76 -25.63 -6.50
CA THR B 62 -10.77 -26.72 -6.69
C THR B 62 -9.94 -26.46 -7.95
N GLU B 63 -10.16 -25.31 -8.59
CA GLU B 63 -9.41 -24.89 -9.81
C GLU B 63 -7.97 -24.65 -9.41
N LEU B 64 -7.64 -23.49 -8.85
CA LEU B 64 -6.23 -23.14 -8.52
C LEU B 64 -6.06 -23.17 -6.99
N ASP B 65 -6.58 -24.22 -6.35
CA ASP B 65 -6.48 -24.52 -4.89
C ASP B 65 -6.84 -23.26 -4.09
N ARG B 66 -8.09 -22.83 -4.22
CA ARG B 66 -8.69 -21.76 -3.39
C ARG B 66 -9.09 -22.30 -2.01
N GLY B 67 -9.08 -23.62 -1.77
CA GLY B 67 -9.46 -24.18 -0.45
C GLY B 67 -10.93 -24.58 -0.42
N ASN B 68 -11.50 -24.75 0.78
CA ASN B 68 -12.92 -25.23 0.95
C ASN B 68 -13.89 -24.08 0.66
N PHE B 69 -15.01 -24.35 -0.02
CA PHE B 69 -16.03 -23.34 -0.39
C PHE B 69 -16.59 -22.55 0.82
N LYS B 70 -16.57 -21.23 0.77
CA LYS B 70 -17.18 -20.36 1.83
C LYS B 70 -18.41 -19.57 1.32
N GLU B 71 -18.46 -19.15 0.05
CA GLU B 71 -19.44 -18.11 -0.35
C GLU B 71 -19.49 -18.05 -1.88
N VAL B 72 -20.67 -17.83 -2.44
CA VAL B 72 -20.93 -17.34 -3.82
C VAL B 72 -21.64 -15.97 -3.74
N TYR B 73 -21.25 -14.98 -4.51
CA TYR B 73 -22.03 -13.73 -4.72
C TYR B 73 -22.32 -13.59 -6.21
N VAL B 74 -23.57 -13.25 -6.59
CA VAL B 74 -23.95 -12.96 -8.02
C VAL B 74 -24.77 -11.68 -8.09
N LYS B 75 -24.36 -10.75 -8.96
CA LYS B 75 -25.11 -9.52 -9.31
C LYS B 75 -25.72 -9.61 -10.71
N GLY B 76 -26.96 -9.13 -10.80
CA GLY B 76 -27.63 -8.92 -12.09
C GLY B 76 -28.30 -7.56 -12.21
N GLU B 77 -28.65 -7.17 -13.46
CA GLU B 77 -29.12 -5.80 -13.75
C GLU B 77 -30.26 -5.42 -12.81
N LYS B 78 -31.05 -6.36 -12.24
CA LYS B 78 -32.27 -6.06 -11.42
C LYS B 78 -32.09 -6.33 -9.90
N GLY B 79 -30.97 -6.92 -9.44
CA GLY B 79 -30.79 -7.31 -8.02
C GLY B 79 -29.72 -8.37 -7.79
N TYR B 80 -29.52 -8.81 -6.54
CA TYR B 80 -28.44 -9.73 -6.12
C TYR B 80 -28.95 -11.12 -5.77
N THR B 81 -28.09 -12.13 -5.87
CA THR B 81 -28.15 -13.48 -5.25
C THR B 81 -26.89 -13.72 -4.38
N LEU B 82 -27.08 -14.09 -3.14
CA LEU B 82 -25.96 -14.39 -2.21
C LEU B 82 -26.19 -15.80 -1.64
N LEU B 83 -25.15 -16.62 -1.58
CA LEU B 83 -25.18 -18.01 -1.06
C LEU B 83 -23.92 -18.28 -0.20
N THR B 84 -24.12 -18.46 1.11
CA THR B 84 -23.02 -18.60 2.09
C THR B 84 -23.27 -19.87 2.89
N SER B 85 -22.26 -20.70 3.00
CA SER B 85 -22.40 -21.87 3.90
C SER B 85 -22.71 -21.38 5.32
N VAL B 86 -23.63 -22.06 6.01
CA VAL B 86 -23.82 -22.04 7.49
C VAL B 86 -23.39 -23.43 8.01
N GLY B 87 -22.13 -23.54 8.49
CA GLY B 87 -21.40 -24.81 8.70
C GLY B 87 -21.52 -25.68 7.47
N GLU B 88 -21.27 -26.98 7.63
CA GLU B 88 -21.53 -27.96 6.55
C GLU B 88 -22.98 -28.46 6.62
N ASN B 89 -23.44 -29.03 5.51
CA ASN B 89 -24.64 -29.90 5.33
C ASN B 89 -25.88 -29.05 5.08
N ALA B 90 -25.68 -27.73 5.02
CA ALA B 90 -26.74 -26.72 4.78
C ALA B 90 -26.17 -25.55 3.96
N LEU B 91 -26.97 -24.50 3.77
CA LEU B 91 -26.58 -23.22 3.08
C LEU B 91 -27.70 -22.19 3.23
N LEU B 92 -27.37 -20.91 3.32
CA LEU B 92 -28.35 -19.79 3.30
C LEU B 92 -28.34 -19.06 1.96
N LEU B 93 -29.51 -18.81 1.42
CA LEU B 93 -29.74 -18.10 0.15
C LEU B 93 -30.44 -16.80 0.47
N VAL B 94 -30.05 -15.70 -0.12
CA VAL B 94 -30.70 -14.37 0.03
C VAL B 94 -30.83 -13.73 -1.34
N LEU B 95 -32.02 -13.22 -1.69
CA LEU B 95 -32.25 -12.32 -2.85
C LEU B 95 -32.44 -10.85 -2.43
N ALA B 96 -31.90 -9.88 -3.20
CA ALA B 96 -31.99 -8.44 -2.84
C ALA B 96 -32.23 -7.55 -4.08
N LYS B 97 -32.86 -6.38 -3.88
CA LYS B 97 -33.17 -5.39 -4.96
C LYS B 97 -31.93 -4.64 -5.46
N ALA B 98 -31.97 -4.24 -6.72
CA ALA B 98 -30.87 -3.50 -7.39
C ALA B 98 -30.51 -2.22 -6.64
N ASP B 99 -31.42 -1.62 -5.85
CA ASP B 99 -31.22 -0.29 -5.23
C ASP B 99 -30.99 -0.43 -3.70
N ALA B 100 -30.56 -1.60 -3.26
CA ALA B 100 -30.37 -1.95 -1.85
C ALA B 100 -28.92 -1.64 -1.41
N GLN B 101 -28.69 -1.50 -0.11
CA GLN B 101 -27.44 -1.02 0.56
C GLN B 101 -26.57 -2.25 0.83
N ILE B 102 -25.85 -2.69 -0.18
CA ILE B 102 -25.31 -4.08 -0.13
C ILE B 102 -24.36 -4.31 1.08
N GLY B 103 -23.55 -3.32 1.49
CA GLY B 103 -22.69 -3.54 2.67
C GLY B 103 -23.52 -3.86 3.92
N LEU B 104 -24.71 -3.25 4.05
CA LEU B 104 -25.64 -3.55 5.19
C LEU B 104 -26.08 -5.00 5.09
N ILE B 105 -26.45 -5.48 3.89
CA ILE B 105 -27.02 -6.86 3.75
C ILE B 105 -25.96 -7.92 4.08
N PHE B 106 -24.71 -7.72 3.64
CA PHE B 106 -23.53 -8.58 3.90
C PHE B 106 -23.22 -8.71 5.40
N VAL B 107 -23.12 -7.59 6.10
CA VAL B 107 -22.88 -7.68 7.56
C VAL B 107 -24.10 -8.35 8.21
N ASP B 108 -25.33 -7.93 7.87
CA ASP B 108 -26.51 -8.59 8.49
C ASP B 108 -26.56 -10.08 8.06
N MET B 109 -26.18 -10.46 6.82
CA MET B 109 -26.23 -11.90 6.44
C MET B 109 -25.14 -12.69 7.20
N ARG B 110 -23.89 -12.20 7.29
CA ARG B 110 -22.81 -12.82 8.11
C ARG B 110 -23.13 -12.86 9.63
N ARG B 111 -23.74 -11.81 10.20
CA ARG B 111 -24.17 -11.76 11.64
C ARG B 111 -25.15 -12.92 11.96
N ILE B 112 -26.01 -13.30 10.99
CA ILE B 112 -27.12 -14.30 11.06
C ILE B 112 -26.65 -15.71 10.68
N ALA B 113 -25.60 -15.81 9.83
CA ALA B 113 -24.91 -17.09 9.50
C ALA B 113 -24.24 -17.65 10.79
N ASP B 114 -23.63 -16.78 11.62
CA ASP B 114 -23.07 -17.19 12.93
C ASP B 114 -24.22 -17.65 13.84
N SER B 115 -25.18 -16.73 14.09
CA SER B 115 -26.45 -16.97 14.88
C SER B 115 -27.09 -18.32 14.57
N LEU B 116 -27.17 -18.72 13.31
CA LEU B 116 -27.76 -20.03 12.91
C LEU B 116 -26.79 -21.19 13.21
N LEU B 117 -25.48 -20.94 13.05
CA LEU B 117 -24.42 -21.95 13.27
C LEU B 117 -24.63 -22.66 14.61
N GLU B 118 -25.11 -21.94 15.63
CA GLU B 118 -25.24 -22.50 17.01
C GLU B 118 -26.60 -23.18 17.17
N ILE B 119 -27.67 -22.61 16.58
CA ILE B 119 -29.08 -23.07 16.77
C ILE B 119 -29.25 -24.46 16.16
N LEU B 120 -28.68 -24.71 14.97
CA LEU B 120 -28.69 -26.07 14.38
C LEU B 120 -27.26 -26.59 14.44
N ALA C 4 -2.29 2.39 -26.45
CA ALA C 4 -3.48 1.85 -27.16
C ALA C 4 -3.80 0.41 -26.70
N VAL C 5 -3.24 -0.57 -27.43
CA VAL C 5 -2.98 -1.91 -26.86
C VAL C 5 -2.20 -1.71 -25.54
N ASP C 6 -1.27 -0.74 -25.52
CA ASP C 6 -0.43 -0.41 -24.36
C ASP C 6 -1.30 0.14 -23.24
N ASN C 7 -2.25 1.05 -23.52
CA ASN C 7 -3.19 1.57 -22.49
C ASN C 7 -3.93 0.36 -21.88
N ILE C 8 -4.53 -0.53 -22.72
N ILE C 8 -4.48 -0.56 -22.70
CA ILE C 8 -5.19 -1.80 -22.27
CA ILE C 8 -5.19 -1.78 -22.23
C ILE C 8 -4.22 -2.60 -21.36
C ILE C 8 -4.24 -2.64 -21.37
N ASN C 9 -3.01 -2.91 -21.83
CA ASN C 9 -2.02 -3.78 -21.10
C ASN C 9 -1.54 -3.12 -19.78
N LYS C 10 -1.27 -1.80 -19.81
CA LYS C 10 -0.93 -1.03 -18.58
C LYS C 10 -2.13 -1.16 -17.62
N THR C 11 -3.37 -0.87 -18.06
CA THR C 11 -4.55 -0.92 -17.16
C THR C 11 -4.48 -2.25 -16.38
N ILE C 12 -4.33 -3.35 -17.09
CA ILE C 12 -4.37 -4.70 -16.45
C ILE C 12 -3.21 -4.88 -15.50
N ARG C 13 -1.99 -4.50 -15.86
CA ARG C 13 -0.81 -4.82 -15.03
C ARG C 13 -0.83 -3.87 -13.82
N ASP C 14 -1.34 -2.64 -13.97
CA ASP C 14 -1.38 -1.64 -12.85
C ASP C 14 -2.35 -2.16 -11.78
N PHE C 15 -3.34 -2.96 -12.18
CA PHE C 15 -4.36 -3.52 -11.26
C PHE C 15 -3.72 -4.62 -10.38
N GLU C 16 -2.66 -5.31 -10.86
CA GLU C 16 -1.90 -6.32 -10.04
C GLU C 16 -1.06 -5.66 -8.93
N THR C 17 -0.86 -4.35 -8.92
CA THR C 17 -0.20 -3.73 -7.73
C THR C 17 -1.21 -3.45 -6.60
N VAL C 18 -2.54 -3.57 -6.78
CA VAL C 18 -3.53 -3.41 -5.69
C VAL C 18 -3.27 -4.49 -4.65
N PRO C 19 -3.12 -4.17 -3.33
CA PRO C 19 -2.95 -5.21 -2.29
C PRO C 19 -4.12 -6.21 -2.26
N GLY C 20 -3.82 -7.47 -2.05
CA GLY C 20 -4.76 -8.58 -2.12
C GLY C 20 -4.91 -9.18 -3.53
N VAL C 21 -4.44 -8.55 -4.61
CA VAL C 21 -4.69 -9.05 -6.03
C VAL C 21 -3.46 -9.87 -6.42
N GLU C 22 -3.64 -11.18 -6.66
CA GLU C 22 -2.58 -12.15 -7.12
C GLU C 22 -2.43 -12.13 -8.63
N GLY C 23 -3.43 -11.70 -9.38
CA GLY C 23 -3.38 -11.67 -10.85
C GLY C 23 -4.72 -11.40 -11.55
N ALA C 24 -4.67 -10.88 -12.76
CA ALA C 24 -5.84 -10.52 -13.58
C ALA C 24 -5.58 -10.79 -15.08
N ALA C 25 -6.67 -10.90 -15.84
CA ALA C 25 -6.71 -11.36 -17.25
C ALA C 25 -7.96 -10.78 -17.88
N LEU C 26 -7.85 -10.30 -19.12
CA LEU C 26 -9.04 -9.89 -19.92
C LEU C 26 -9.23 -11.02 -20.93
N VAL C 27 -10.50 -11.46 -21.15
CA VAL C 27 -10.90 -12.51 -22.14
C VAL C 27 -12.22 -12.19 -22.87
N SER C 28 -12.40 -12.88 -24.02
CA SER C 28 -13.60 -12.88 -24.89
C SER C 28 -14.68 -13.72 -24.20
N ALA C 29 -15.95 -13.55 -24.58
CA ALA C 29 -17.05 -14.40 -24.05
C ALA C 29 -16.59 -15.86 -24.15
N ASP C 30 -15.94 -16.25 -25.28
CA ASP C 30 -15.51 -17.65 -25.62
C ASP C 30 -14.29 -18.15 -24.82
N GLY C 31 -13.65 -17.28 -24.02
CA GLY C 31 -12.47 -17.63 -23.19
C GLY C 31 -11.16 -17.58 -23.98
N LEU C 32 -11.08 -16.78 -25.05
CA LEU C 32 -9.77 -16.45 -25.68
C LEU C 32 -9.17 -15.16 -25.08
N MET C 33 -7.91 -15.25 -24.67
CA MET C 33 -7.21 -14.18 -23.91
C MET C 33 -7.10 -12.91 -24.78
N ILE C 34 -7.41 -11.72 -24.24
CA ILE C 34 -7.18 -10.38 -24.83
C ILE C 34 -5.99 -9.68 -24.14
N SER C 35 -5.81 -9.70 -22.80
CA SER C 35 -4.53 -9.25 -22.18
C SER C 35 -4.25 -10.06 -20.90
N SER C 36 -3.00 -10.40 -20.63
CA SER C 36 -2.64 -10.97 -19.31
C SER C 36 -1.13 -10.96 -19.09
N ALA C 37 -0.61 -10.79 -17.86
CA ALA C 37 0.81 -11.11 -17.52
C ALA C 37 1.03 -12.30 -16.55
N LEU C 38 0.04 -13.14 -16.27
CA LEU C 38 0.14 -14.34 -15.39
C LEU C 38 1.28 -15.26 -15.82
N PRO C 39 1.86 -16.13 -14.97
CA PRO C 39 2.78 -17.18 -15.45
C PRO C 39 2.09 -18.24 -16.33
N GLU C 40 2.81 -18.94 -17.24
CA GLU C 40 2.21 -19.84 -18.26
C GLU C 40 1.37 -20.95 -17.60
N THR C 41 1.69 -21.35 -16.37
CA THR C 41 1.06 -22.49 -15.67
C THR C 41 -0.41 -22.18 -15.33
N GLU C 42 -0.74 -20.90 -15.04
CA GLU C 42 -2.09 -20.47 -14.59
C GLU C 42 -2.90 -19.88 -15.76
N GLN C 43 -2.21 -19.29 -16.73
CA GLN C 43 -2.78 -18.96 -18.07
C GLN C 43 -3.43 -20.17 -18.76
N GLU C 44 -3.03 -21.40 -18.42
CA GLU C 44 -3.61 -22.60 -19.08
C GLU C 44 -5.05 -22.88 -18.57
N ARG C 45 -5.46 -22.30 -17.44
CA ARG C 45 -6.74 -22.61 -16.77
C ARG C 45 -7.71 -21.41 -16.87
N VAL C 46 -7.25 -20.28 -17.40
CA VAL C 46 -8.05 -19.03 -17.53
C VAL C 46 -9.32 -19.29 -18.32
N ALA C 47 -9.19 -19.95 -19.47
CA ALA C 47 -10.39 -20.37 -20.28
C ALA C 47 -11.36 -21.25 -19.48
N ALA C 48 -10.87 -22.31 -18.83
CA ALA C 48 -11.70 -23.20 -18.01
C ALA C 48 -12.40 -22.38 -16.91
N ILE C 49 -11.63 -21.61 -16.13
CA ILE C 49 -12.19 -20.77 -15.02
C ILE C 49 -13.28 -19.78 -15.52
N SER C 50 -13.09 -19.03 -16.62
CA SER C 50 -14.09 -18.04 -17.12
C SER C 50 -15.44 -18.67 -17.53
N ALA C 51 -15.43 -19.80 -18.22
CA ALA C 51 -16.67 -20.45 -18.70
C ALA C 51 -17.46 -20.98 -17.49
N GLY C 52 -16.75 -21.43 -16.46
CA GLY C 52 -17.39 -21.93 -15.22
C GLY C 52 -18.09 -20.84 -14.40
N LEU C 53 -17.43 -19.74 -14.23
CA LEU C 53 -18.02 -18.65 -13.44
C LEU C 53 -19.15 -18.05 -14.28
N LEU C 54 -18.97 -17.88 -15.58
CA LEU C 54 -20.03 -17.28 -16.43
C LEU C 54 -21.31 -18.15 -16.39
N SER C 55 -21.20 -19.49 -16.44
CA SER C 55 -22.41 -20.36 -16.47
C SER C 55 -23.08 -20.38 -15.10
N LEU C 56 -22.29 -20.20 -14.01
CA LEU C 56 -22.78 -20.10 -12.61
C LEU C 56 -23.48 -18.74 -12.42
N GLY C 57 -22.88 -17.69 -12.98
CA GLY C 57 -23.53 -16.36 -13.00
C GLY C 57 -24.87 -16.39 -13.74
N GLU C 58 -24.91 -16.93 -14.97
CA GLU C 58 -26.14 -16.98 -15.81
C GLU C 58 -27.23 -17.89 -15.25
N LYS C 59 -26.89 -18.96 -14.55
CA LYS C 59 -27.93 -19.82 -13.95
C LYS C 59 -28.64 -19.09 -12.80
N ALA C 60 -27.89 -18.46 -11.88
CA ALA C 60 -28.47 -17.71 -10.75
C ALA C 60 -29.30 -16.51 -11.25
N THR C 61 -28.84 -15.73 -12.23
CA THR C 61 -29.55 -14.50 -12.60
C THR C 61 -30.85 -14.79 -13.35
N THR C 62 -30.92 -15.90 -14.10
CA THR C 62 -32.15 -16.27 -14.86
C THR C 62 -33.15 -17.12 -14.05
N GLU C 63 -32.71 -18.21 -13.37
CA GLU C 63 -33.59 -19.15 -12.62
C GLU C 63 -34.11 -18.52 -11.32
N LEU C 64 -33.57 -17.39 -10.88
CA LEU C 64 -34.05 -16.68 -9.67
C LEU C 64 -34.51 -15.28 -10.07
N ASP C 65 -34.72 -15.07 -11.37
CA ASP C 65 -35.23 -13.81 -11.97
C ASP C 65 -34.50 -12.57 -11.45
N ARG C 66 -33.19 -12.45 -11.68
CA ARG C 66 -32.34 -11.28 -11.34
C ARG C 66 -32.04 -10.37 -12.56
N GLY C 67 -32.54 -10.65 -13.78
CA GLY C 67 -32.20 -9.85 -14.98
C GLY C 67 -30.84 -10.21 -15.59
N ASN C 68 -30.29 -9.36 -16.48
CA ASN C 68 -29.03 -9.64 -17.21
C ASN C 68 -27.85 -9.78 -16.20
N PHE C 69 -26.90 -10.64 -16.52
CA PHE C 69 -25.72 -11.00 -15.68
C PHE C 69 -24.72 -9.84 -15.65
N LYS C 70 -24.16 -9.53 -14.49
CA LYS C 70 -23.09 -8.48 -14.37
C LYS C 70 -21.79 -8.97 -13.66
N GLU C 71 -21.90 -9.46 -12.46
CA GLU C 71 -20.71 -9.71 -11.59
C GLU C 71 -20.89 -11.05 -10.89
N VAL C 72 -19.80 -11.79 -10.62
CA VAL C 72 -19.74 -13.00 -9.75
C VAL C 72 -18.42 -13.07 -8.98
N TYR C 73 -18.46 -13.67 -7.81
CA TYR C 73 -17.22 -14.18 -7.17
C TYR C 73 -17.50 -15.49 -6.45
N VAL C 74 -16.52 -16.38 -6.42
CA VAL C 74 -16.51 -17.60 -5.58
C VAL C 74 -15.41 -17.44 -4.52
N LYS C 75 -15.68 -17.71 -3.27
CA LYS C 75 -14.68 -17.63 -2.15
C LYS C 75 -14.40 -19.03 -1.64
N GLY C 76 -13.13 -19.41 -1.59
CA GLY C 76 -12.57 -20.61 -0.95
C GLY C 76 -11.73 -20.28 0.30
N GLU C 77 -11.15 -21.28 0.95
CA GLU C 77 -10.40 -21.07 2.22
C GLU C 77 -9.13 -20.27 1.94
N LYS C 78 -8.56 -20.36 0.74
CA LYS C 78 -7.22 -19.81 0.44
C LYS C 78 -7.29 -18.74 -0.65
N GLY C 79 -8.46 -18.22 -1.01
CA GLY C 79 -8.56 -17.03 -1.89
C GLY C 79 -9.89 -16.96 -2.61
N TYR C 80 -10.06 -15.94 -3.42
CA TYR C 80 -11.26 -15.64 -4.25
C TYR C 80 -10.96 -15.81 -5.73
N THR C 81 -12.02 -16.12 -6.52
CA THR C 81 -12.02 -15.94 -8.01
C THR C 81 -13.15 -14.99 -8.41
N LEU C 82 -12.87 -13.94 -9.17
CA LEU C 82 -13.96 -12.94 -9.53
C LEU C 82 -14.07 -12.89 -11.04
N LEU C 83 -15.29 -12.79 -11.60
CA LEU C 83 -15.54 -12.54 -13.04
C LEU C 83 -16.51 -11.40 -13.27
N THR C 84 -16.14 -10.35 -14.00
CA THR C 84 -17.18 -9.32 -14.39
C THR C 84 -17.30 -9.11 -15.91
N SER C 85 -18.44 -8.67 -16.41
CA SER C 85 -18.60 -8.33 -17.84
C SER C 85 -17.98 -6.95 -18.12
N VAL C 86 -17.21 -6.84 -19.16
CA VAL C 86 -16.84 -5.50 -19.68
C VAL C 86 -17.69 -5.23 -20.93
N GLY C 87 -18.88 -4.61 -20.79
CA GLY C 87 -19.86 -4.48 -21.91
C GLY C 87 -20.59 -5.79 -22.21
N GLU C 88 -20.56 -6.30 -23.46
CA GLU C 88 -21.35 -7.52 -23.90
C GLU C 88 -20.44 -8.56 -24.59
N ASN C 89 -19.16 -8.26 -24.90
CA ASN C 89 -18.23 -9.18 -25.62
C ASN C 89 -17.00 -9.55 -24.79
N ALA C 90 -16.75 -8.87 -23.67
CA ALA C 90 -15.51 -9.08 -22.90
C ALA C 90 -15.84 -9.39 -21.43
N LEU C 91 -14.83 -9.92 -20.73
CA LEU C 91 -14.87 -10.42 -19.34
C LEU C 91 -13.52 -10.14 -18.66
N LEU C 92 -13.52 -9.61 -17.41
CA LEU C 92 -12.29 -9.60 -16.58
C LEU C 92 -12.33 -10.72 -15.54
N LEU C 93 -11.25 -11.53 -15.50
CA LEU C 93 -10.96 -12.54 -14.46
C LEU C 93 -9.93 -12.00 -13.46
N VAL C 94 -10.26 -11.98 -12.17
CA VAL C 94 -9.33 -11.57 -11.08
C VAL C 94 -9.12 -12.74 -10.14
N LEU C 95 -7.87 -13.00 -9.71
CA LEU C 95 -7.63 -13.86 -8.54
C LEU C 95 -7.20 -12.99 -7.37
N ALA C 96 -7.62 -13.29 -6.14
CA ALA C 96 -7.19 -12.60 -4.89
C ALA C 96 -6.94 -13.50 -3.68
N LYS C 97 -6.24 -12.96 -2.68
CA LYS C 97 -5.79 -13.69 -1.47
C LYS C 97 -6.94 -13.83 -0.43
N ALA C 98 -6.81 -14.82 0.45
CA ALA C 98 -7.82 -15.25 1.43
C ALA C 98 -8.23 -14.11 2.36
N ASP C 99 -7.26 -13.25 2.71
CA ASP C 99 -7.41 -12.05 3.59
C ASP C 99 -7.66 -10.77 2.77
N ALA C 100 -7.84 -10.81 1.43
CA ALA C 100 -8.10 -9.60 0.59
C ALA C 100 -9.43 -8.90 0.99
N GLN C 101 -9.48 -7.59 0.78
CA GLN C 101 -10.63 -6.70 1.03
C GLN C 101 -11.50 -6.64 -0.25
N ILE C 102 -12.49 -7.52 -0.38
CA ILE C 102 -13.31 -7.67 -1.62
C ILE C 102 -13.97 -6.34 -2.05
N GLY C 103 -14.48 -5.53 -1.14
CA GLY C 103 -15.13 -4.26 -1.48
C GLY C 103 -14.24 -3.34 -2.28
N LEU C 104 -13.01 -3.14 -1.83
CA LEU C 104 -12.01 -2.32 -2.58
C LEU C 104 -11.69 -2.98 -3.93
N ILE C 105 -11.72 -4.30 -4.02
CA ILE C 105 -11.31 -4.94 -5.29
C ILE C 105 -12.46 -4.75 -6.31
N PHE C 106 -13.71 -4.88 -5.90
CA PHE C 106 -14.91 -4.57 -6.79
C PHE C 106 -14.93 -3.10 -7.24
N VAL C 107 -14.63 -2.18 -6.35
CA VAL C 107 -14.68 -0.74 -6.69
C VAL C 107 -13.60 -0.40 -7.74
N ASP C 108 -12.45 -1.10 -7.71
CA ASP C 108 -11.32 -1.02 -8.67
C ASP C 108 -11.66 -1.80 -9.95
N MET C 109 -12.23 -3.00 -9.84
CA MET C 109 -12.66 -3.72 -11.05
C MET C 109 -13.64 -2.87 -11.87
N ARG C 110 -14.61 -2.20 -11.26
CA ARG C 110 -15.70 -1.47 -11.96
C ARG C 110 -15.14 -0.21 -12.63
N ARG C 111 -14.23 0.47 -11.96
CA ARG C 111 -13.57 1.68 -12.47
C ARG C 111 -12.73 1.28 -13.68
N ILE C 112 -12.11 0.10 -13.69
CA ILE C 112 -11.35 -0.40 -14.87
C ILE C 112 -12.31 -0.85 -15.99
N ALA C 113 -13.53 -1.31 -15.66
CA ALA C 113 -14.55 -1.73 -16.65
C ALA C 113 -14.96 -0.49 -17.48
N ASP C 114 -15.45 0.55 -16.78
CA ASP C 114 -15.86 1.88 -17.31
C ASP C 114 -14.67 2.57 -17.96
N SER C 115 -13.48 2.44 -17.38
CA SER C 115 -12.25 2.98 -18.02
C SER C 115 -11.99 2.19 -19.31
N LEU C 116 -12.09 0.86 -19.27
CA LEU C 116 -11.76 -0.01 -20.45
C LEU C 116 -12.89 0.09 -21.52
N LEU C 117 -14.10 0.54 -21.13
CA LEU C 117 -15.25 0.69 -22.10
C LEU C 117 -15.15 1.97 -22.98
N GLU C 118 -14.30 2.94 -22.63
CA GLU C 118 -14.13 4.19 -23.42
C GLU C 118 -13.03 3.98 -24.51
N ILE C 119 -12.12 3.00 -24.35
CA ILE C 119 -10.93 2.85 -25.26
C ILE C 119 -11.10 1.60 -26.14
N LEU C 120 -10.58 0.44 -25.72
CA LEU C 120 -10.31 -0.81 -26.50
C LEU C 120 -9.22 -0.55 -27.55
N VAL D 5 25.60 18.71 15.46
CA VAL D 5 25.19 17.25 15.38
C VAL D 5 25.13 16.63 16.78
N ASP D 6 25.77 17.25 17.76
CA ASP D 6 25.78 16.79 19.16
C ASP D 6 24.46 17.25 19.79
N ASN D 7 23.88 18.35 19.28
CA ASN D 7 22.65 18.96 19.83
C ASN D 7 21.38 18.38 19.19
N ILE D 8 21.50 17.51 18.18
CA ILE D 8 20.37 16.71 17.61
C ILE D 8 20.32 15.38 18.41
N ASN D 9 21.44 14.69 18.58
CA ASN D 9 21.52 13.36 19.25
C ASN D 9 20.85 13.36 20.64
N LYS D 10 21.41 13.98 21.68
CA LYS D 10 20.99 13.72 23.08
C LYS D 10 19.58 14.30 23.30
N THR D 11 19.24 15.40 22.62
CA THR D 11 17.84 15.89 22.41
C THR D 11 16.85 14.74 22.09
N ILE D 12 17.23 13.65 21.37
CA ILE D 12 16.39 12.41 21.19
C ILE D 12 16.55 11.37 22.33
N ARG D 13 17.57 11.41 23.19
CA ARG D 13 17.68 10.48 24.37
C ARG D 13 16.77 10.98 25.50
N ASP D 14 16.31 12.23 25.40
CA ASP D 14 15.68 12.95 26.54
C ASP D 14 14.18 12.66 26.62
N PHE D 15 13.51 12.35 25.51
CA PHE D 15 12.08 11.98 25.49
C PHE D 15 11.90 10.71 26.33
N GLU D 16 12.90 9.79 26.36
CA GLU D 16 12.78 8.44 26.99
C GLU D 16 12.54 8.62 28.50
N THR D 17 13.06 9.72 29.05
CA THR D 17 12.98 10.06 30.49
C THR D 17 11.49 10.23 30.83
N VAL D 18 10.74 10.95 29.99
CA VAL D 18 9.30 11.25 30.21
C VAL D 18 8.60 9.92 30.39
N PRO D 19 7.65 9.80 31.34
CA PRO D 19 6.93 8.54 31.50
C PRO D 19 6.14 8.11 30.26
N GLY D 20 6.23 6.83 29.95
CA GLY D 20 5.43 6.17 28.89
C GLY D 20 6.20 6.11 27.57
N VAL D 21 7.45 6.61 27.48
CA VAL D 21 8.17 6.71 26.18
C VAL D 21 9.17 5.57 26.03
N GLU D 22 8.81 4.50 25.32
CA GLU D 22 9.68 3.34 25.04
C GLU D 22 10.82 3.73 24.12
N GLY D 23 10.60 4.53 23.07
CA GLY D 23 11.67 4.77 22.09
C GLY D 23 11.42 5.93 21.16
N ALA D 24 12.46 6.68 20.78
CA ALA D 24 12.38 7.81 19.81
C ALA D 24 13.35 7.59 18.65
N ALA D 25 13.04 8.16 17.48
CA ALA D 25 13.94 8.18 16.31
C ALA D 25 13.66 9.37 15.42
N LEU D 26 14.73 9.95 14.91
CA LEU D 26 14.72 10.92 13.80
C LEU D 26 15.03 10.16 12.49
N VAL D 27 14.05 10.12 11.57
CA VAL D 27 14.11 9.41 10.25
C VAL D 27 13.87 10.42 9.12
N SER D 28 14.58 10.27 8.02
CA SER D 28 14.33 10.90 6.70
C SER D 28 12.99 10.47 6.05
N ALA D 29 12.38 11.35 5.23
CA ALA D 29 11.09 11.08 4.52
C ALA D 29 11.29 10.00 3.42
N ASP D 30 12.48 9.69 3.00
CA ASP D 30 12.74 8.54 2.09
C ASP D 30 13.05 7.26 2.86
N GLY D 31 13.17 7.28 4.18
CA GLY D 31 13.30 6.03 4.97
C GLY D 31 14.70 5.72 5.52
N LEU D 32 15.66 6.64 5.44
CA LEU D 32 17.01 6.50 6.08
C LEU D 32 17.02 7.13 7.50
N MET D 33 17.33 6.31 8.51
CA MET D 33 17.48 6.66 9.97
C MET D 33 18.56 7.74 10.15
N ILE D 34 18.32 8.73 10.99
CA ILE D 34 19.29 9.83 11.25
C ILE D 34 19.84 9.74 12.66
N SER D 35 18.97 9.74 13.67
CA SER D 35 19.35 9.66 15.09
C SER D 35 18.33 8.84 15.91
N SER D 36 18.81 7.89 16.72
CA SER D 36 17.97 7.02 17.55
C SER D 36 18.81 6.24 18.58
N ALA D 37 18.16 5.81 19.68
CA ALA D 37 18.69 5.02 20.81
C ALA D 37 18.15 3.58 20.81
N LEU D 38 17.21 3.24 19.92
CA LEU D 38 16.59 1.87 19.80
C LEU D 38 17.70 0.81 19.62
N PRO D 39 17.39 -0.50 19.78
CA PRO D 39 18.35 -1.57 19.46
C PRO D 39 18.94 -1.35 18.06
N GLU D 40 20.26 -1.20 17.99
CA GLU D 40 20.99 -0.79 16.77
C GLU D 40 20.88 -1.83 15.63
N THR D 41 20.23 -2.98 15.88
CA THR D 41 19.89 -3.99 14.85
C THR D 41 18.55 -3.63 14.18
N GLU D 42 17.53 -3.26 14.97
CA GLU D 42 16.13 -2.99 14.53
C GLU D 42 16.09 -1.65 13.77
N GLN D 43 16.99 -0.72 14.08
CA GLN D 43 16.88 0.72 13.70
C GLN D 43 16.65 0.85 12.18
N GLU D 44 17.30 0.05 11.36
CA GLU D 44 17.17 0.15 9.88
C GLU D 44 15.76 -0.24 9.45
N ARG D 45 15.17 -1.22 10.14
CA ARG D 45 13.83 -1.77 9.85
C ARG D 45 12.81 -0.69 10.25
N VAL D 46 12.94 -0.14 11.45
CA VAL D 46 11.99 0.81 12.10
C VAL D 46 11.94 2.11 11.28
N ALA D 47 13.08 2.48 10.67
CA ALA D 47 13.20 3.61 9.72
C ALA D 47 12.34 3.31 8.49
N ALA D 48 12.30 2.05 8.05
CA ALA D 48 11.49 1.62 6.88
C ALA D 48 10.00 1.72 7.20
N ILE D 49 9.57 1.22 8.37
CA ILE D 49 8.14 1.16 8.77
C ILE D 49 7.57 2.58 8.94
N SER D 50 8.30 3.52 9.59
CA SER D 50 7.89 4.95 9.72
C SER D 50 7.75 5.67 8.37
N ALA D 51 8.48 5.25 7.32
CA ALA D 51 8.38 5.63 5.87
C ALA D 51 6.96 5.58 5.35
N GLY D 52 6.35 4.41 5.49
CA GLY D 52 5.02 4.10 4.99
C GLY D 52 3.97 4.83 5.81
N LEU D 53 4.14 4.86 7.12
CA LEU D 53 3.16 5.57 7.99
C LEU D 53 2.94 7.02 7.51
N LEU D 54 4.00 7.69 7.08
CA LEU D 54 3.93 9.07 6.52
C LEU D 54 3.18 9.01 5.17
N SER D 55 3.68 8.28 4.16
CA SER D 55 3.01 8.22 2.82
C SER D 55 1.54 7.83 2.99
N LEU D 56 1.29 6.67 3.56
CA LEU D 56 -0.11 6.18 3.81
C LEU D 56 -0.85 7.08 4.82
N GLY D 57 -0.17 7.99 5.50
CA GLY D 57 -0.79 9.10 6.25
C GLY D 57 -1.03 10.31 5.35
N GLU D 58 -0.19 10.50 4.34
CA GLU D 58 -0.41 11.58 3.34
C GLU D 58 -1.55 11.17 2.41
N LYS D 59 -1.88 9.87 2.31
CA LYS D 59 -2.95 9.43 1.36
C LYS D 59 -4.36 9.66 1.93
N ALA D 60 -4.58 9.61 3.25
CA ALA D 60 -5.88 10.01 3.83
C ALA D 60 -6.02 11.55 3.81
N THR D 61 -4.92 12.26 4.04
CA THR D 61 -4.87 13.72 4.14
C THR D 61 -4.85 14.36 2.74
N THR D 62 -4.76 13.58 1.65
CA THR D 62 -4.95 14.05 0.25
C THR D 62 -6.24 13.49 -0.38
N GLU D 63 -6.90 12.46 0.17
CA GLU D 63 -8.06 11.79 -0.50
C GLU D 63 -9.38 12.24 0.14
N LEU D 64 -9.33 12.76 1.36
CA LEU D 64 -10.52 13.20 2.10
C LEU D 64 -10.50 14.72 2.34
N ASP D 65 -9.65 15.46 1.61
CA ASP D 65 -9.62 16.94 1.59
C ASP D 65 -9.39 17.45 3.02
N ARG D 66 -8.30 17.07 3.69
CA ARG D 66 -8.01 17.48 5.08
C ARG D 66 -6.85 18.48 5.09
N GLY D 67 -6.26 18.78 3.93
CA GLY D 67 -5.16 19.76 3.77
C GLY D 67 -3.78 19.14 3.88
N ASN D 68 -2.76 19.92 4.24
CA ASN D 68 -1.38 19.43 4.44
C ASN D 68 -1.31 18.44 5.62
N PHE D 69 -0.55 17.32 5.45
CA PHE D 69 -0.27 16.32 6.52
C PHE D 69 0.44 17.04 7.67
N LYS D 70 -0.01 16.85 8.90
CA LYS D 70 0.71 17.32 10.13
C LYS D 70 1.11 16.12 11.00
N GLU D 71 0.20 15.19 11.31
CA GLU D 71 0.36 14.24 12.44
C GLU D 71 -0.46 12.99 12.20
N VAL D 72 0.03 11.86 12.71
CA VAL D 72 -0.66 10.55 12.58
C VAL D 72 -0.55 9.86 13.93
N TYR D 73 -1.65 9.29 14.36
CA TYR D 73 -1.80 8.54 15.65
C TYR D 73 -2.28 7.13 15.26
N VAL D 74 -1.54 6.09 15.66
CA VAL D 74 -2.13 4.72 15.81
C VAL D 74 -2.02 4.16 17.24
N LYS D 75 -3.02 3.42 17.69
CA LYS D 75 -3.04 2.80 19.07
C LYS D 75 -3.35 1.30 18.99
N GLY D 76 -2.51 0.51 19.64
CA GLY D 76 -2.69 -0.94 19.80
C GLY D 76 -2.85 -1.25 21.29
N GLU D 77 -3.36 -2.42 21.62
CA GLU D 77 -3.69 -2.80 23.02
C GLU D 77 -2.44 -2.87 23.91
N LYS D 78 -1.23 -3.01 23.35
CA LYS D 78 0.03 -3.05 24.16
C LYS D 78 0.84 -1.77 23.98
N GLY D 79 0.27 -0.72 23.37
CA GLY D 79 0.96 0.60 23.31
C GLY D 79 0.62 1.36 22.03
N TYR D 80 1.33 2.48 21.80
CA TYR D 80 0.99 3.49 20.77
C TYR D 80 2.21 3.76 19.88
N THR D 81 1.92 3.99 18.61
CA THR D 81 2.85 4.58 17.65
C THR D 81 2.44 6.01 17.29
N LEU D 82 3.32 6.96 17.53
CA LEU D 82 3.08 8.38 17.22
CA LEU D 82 3.06 8.37 17.20
C LEU D 82 4.11 8.81 16.20
N LEU D 83 3.69 9.66 15.25
CA LEU D 83 4.61 10.30 14.25
C LEU D 83 4.16 11.75 13.98
N THR D 84 5.12 12.66 13.87
CA THR D 84 4.94 14.11 13.55
CA THR D 84 4.92 14.11 13.53
C THR D 84 5.92 14.51 12.44
N SER D 85 5.53 15.46 11.60
CA SER D 85 6.36 16.00 10.52
C SER D 85 7.44 16.87 11.15
N VAL D 86 8.71 16.68 10.76
CA VAL D 86 9.85 17.56 11.18
C VAL D 86 10.18 18.45 9.99
N GLY D 87 9.15 19.16 9.51
CA GLY D 87 9.14 19.91 8.24
C GLY D 87 9.09 18.99 7.04
N GLU D 88 9.59 19.48 5.92
CA GLU D 88 9.91 18.64 4.75
C GLU D 88 11.22 17.91 5.03
N ASN D 89 11.27 16.66 4.56
CA ASN D 89 12.48 15.81 4.40
C ASN D 89 12.85 15.08 5.70
N ALA D 90 12.11 15.23 6.80
CA ALA D 90 12.29 14.36 7.99
C ALA D 90 10.99 14.22 8.80
N LEU D 91 11.07 13.44 9.89
CA LEU D 91 9.91 13.01 10.69
C LEU D 91 10.39 12.48 12.08
N LEU D 92 9.58 12.68 13.13
CA LEU D 92 9.93 12.21 14.48
C LEU D 92 9.00 11.05 14.91
N LEU D 93 9.49 9.81 15.04
CA LEU D 93 8.71 8.64 15.56
C LEU D 93 8.93 8.42 17.07
N VAL D 94 7.84 8.17 17.81
CA VAL D 94 7.83 7.88 19.26
C VAL D 94 7.00 6.64 19.53
N LEU D 95 7.63 5.58 20.03
CA LEU D 95 6.94 4.41 20.64
C LEU D 95 6.57 4.78 22.10
N ALA D 96 5.31 4.60 22.49
CA ALA D 96 4.85 4.84 23.88
C ALA D 96 4.19 3.59 24.44
N LYS D 97 4.05 3.54 25.78
CA LYS D 97 3.31 2.51 26.54
C LYS D 97 1.84 2.91 26.51
N ALA D 98 0.94 1.93 26.68
CA ALA D 98 -0.52 1.98 26.43
C ALA D 98 -1.21 2.65 27.62
N ASP D 99 -0.39 3.14 28.57
CA ASP D 99 -0.81 3.95 29.74
C ASP D 99 -0.13 5.32 29.72
N ALA D 100 0.36 5.85 28.59
CA ALA D 100 1.01 7.19 28.58
C ALA D 100 -0.04 8.23 28.16
N GLN D 101 0.28 9.51 28.37
CA GLN D 101 -0.60 10.69 28.17
C GLN D 101 -0.22 11.33 26.85
N ILE D 102 -1.02 11.09 25.80
CA ILE D 102 -0.68 11.31 24.37
C ILE D 102 -0.67 12.80 24.08
N GLY D 103 -1.70 13.49 24.59
CA GLY D 103 -1.90 14.93 24.32
C GLY D 103 -0.70 15.77 24.75
N LEU D 104 0.00 15.33 25.79
CA LEU D 104 1.20 16.08 26.20
C LEU D 104 2.38 15.69 25.30
N ILE D 105 2.65 14.41 25.12
CA ILE D 105 3.78 13.96 24.23
C ILE D 105 3.69 14.63 22.84
N PHE D 106 2.50 14.85 22.31
CA PHE D 106 2.35 15.61 21.04
C PHE D 106 2.84 17.06 21.28
N VAL D 107 2.41 17.73 22.35
CA VAL D 107 2.92 19.09 22.73
C VAL D 107 4.45 19.07 22.81
N ASP D 108 5.06 18.07 23.42
CA ASP D 108 6.55 17.98 23.46
C ASP D 108 7.15 17.69 22.07
N MET D 109 6.53 16.87 21.18
CA MET D 109 7.07 16.53 19.86
C MET D 109 6.98 17.75 18.95
N ARG D 110 5.84 18.45 18.92
CA ARG D 110 5.59 19.41 17.80
C ARG D 110 6.52 20.62 17.98
N ARG D 111 7.05 20.80 19.21
CA ARG D 111 7.98 21.92 19.50
C ARG D 111 9.39 21.48 19.06
N ILE D 112 9.83 20.33 19.57
CA ILE D 112 11.12 19.67 19.22
C ILE D 112 11.24 19.47 17.71
N ALA D 113 10.13 19.22 17.00
CA ALA D 113 10.07 19.01 15.53
C ALA D 113 10.40 20.33 14.82
N ASP D 114 10.19 21.44 15.50
CA ASP D 114 10.61 22.78 15.02
C ASP D 114 11.77 23.37 15.85
N SER D 115 12.39 22.60 16.75
CA SER D 115 13.73 22.94 17.30
C SER D 115 14.83 22.06 16.66
N LEU D 116 14.49 20.98 15.94
CA LEU D 116 15.48 20.20 15.14
C LEU D 116 15.50 20.71 13.68
N LEU D 117 14.44 21.36 13.19
CA LEU D 117 14.34 21.83 11.78
C LEU D 117 15.38 22.91 11.41
N GLU D 118 15.83 23.75 12.36
CA GLU D 118 16.73 24.91 12.07
C GLU D 118 18.21 24.50 12.16
N ILE D 119 18.58 23.51 12.97
CA ILE D 119 20.00 23.04 13.13
C ILE D 119 20.28 21.83 12.23
N LEU D 120 19.28 21.26 11.54
CA LEU D 120 19.41 19.98 10.78
C LEU D 120 19.65 20.23 9.28
N VAL E 5 33.29 34.30 -3.03
CA VAL E 5 34.19 33.11 -3.03
C VAL E 5 34.48 32.71 -1.58
N ASP E 6 34.64 33.66 -0.67
CA ASP E 6 34.81 33.36 0.77
C ASP E 6 33.56 32.62 1.25
N ASN E 7 32.34 32.97 0.79
CA ASN E 7 31.10 32.48 1.49
C ASN E 7 30.86 31.07 0.99
N ILE E 8 31.13 30.90 -0.30
CA ILE E 8 31.15 29.58 -0.96
C ILE E 8 32.07 28.70 -0.14
N ASN E 9 33.29 29.13 0.14
CA ASN E 9 34.36 28.25 0.70
C ASN E 9 33.96 27.81 2.10
N LYS E 10 33.39 28.71 2.89
CA LYS E 10 33.00 28.44 4.29
C LYS E 10 31.74 27.58 4.27
N THR E 11 30.90 27.74 3.23
CA THR E 11 29.68 26.92 3.01
C THR E 11 30.15 25.47 2.98
N ILE E 12 31.30 25.22 2.36
CA ILE E 12 31.73 23.83 2.07
C ILE E 12 32.56 23.28 3.23
N ARG E 13 33.50 24.09 3.73
CA ARG E 13 34.37 23.68 4.87
C ARG E 13 33.54 23.42 6.15
N ASP E 14 32.42 24.11 6.33
CA ASP E 14 31.47 23.82 7.45
C ASP E 14 30.75 22.48 7.20
N PHE E 15 30.56 22.07 5.95
CA PHE E 15 30.02 20.72 5.64
C PHE E 15 31.10 19.68 6.03
N GLU E 16 32.35 19.92 5.69
CA GLU E 16 33.40 18.90 5.97
C GLU E 16 33.43 18.47 7.45
N THR E 17 33.04 19.35 8.39
CA THR E 17 33.15 19.08 9.85
CA THR E 17 33.15 19.08 9.85
C THR E 17 32.07 18.08 10.32
N VAL E 18 30.97 17.92 9.57
CA VAL E 18 29.86 17.00 10.02
C VAL E 18 30.44 15.60 10.00
N PRO E 19 30.10 14.73 10.96
CA PRO E 19 30.81 13.47 11.09
C PRO E 19 30.60 12.63 9.82
N GLY E 20 31.69 12.19 9.20
CA GLY E 20 31.64 11.14 8.17
C GLY E 20 31.97 11.71 6.82
N VAL E 21 31.94 13.03 6.69
CA VAL E 21 32.34 13.70 5.43
C VAL E 21 33.88 13.73 5.46
N GLU E 22 34.51 13.07 4.49
CA GLU E 22 35.99 12.97 4.34
C GLU E 22 36.47 14.11 3.44
N GLY E 23 35.57 14.64 2.58
CA GLY E 23 35.88 15.72 1.63
C GLY E 23 34.74 16.14 0.74
N ALA E 24 34.78 17.40 0.29
CA ALA E 24 33.78 17.99 -0.63
C ALA E 24 34.39 19.03 -1.55
N ALA E 25 33.78 19.23 -2.68
CA ALA E 25 34.28 20.20 -3.66
C ALA E 25 33.13 20.68 -4.56
N LEU E 26 33.11 21.96 -4.91
CA LEU E 26 32.28 22.51 -6.01
C LEU E 26 33.11 22.51 -7.28
N VAL E 27 32.61 21.91 -8.36
CA VAL E 27 33.32 21.84 -9.65
C VAL E 27 32.41 22.43 -10.75
N SER E 28 32.94 23.09 -11.79
CA SER E 28 32.16 23.46 -13.02
C SER E 28 31.92 22.22 -13.92
N ALA E 29 30.94 22.26 -14.81
CA ALA E 29 30.57 21.16 -15.74
C ALA E 29 31.70 20.90 -16.73
N ASP E 30 32.32 21.93 -17.32
CA ASP E 30 33.44 21.75 -18.30
C ASP E 30 34.71 21.22 -17.62
N GLY E 31 34.82 21.25 -16.26
CA GLY E 31 35.77 20.41 -15.47
C GLY E 31 36.81 21.18 -14.68
N LEU E 32 36.65 22.50 -14.57
CA LEU E 32 37.51 23.41 -13.79
C LEU E 32 36.96 23.49 -12.34
N MET E 33 37.87 23.40 -11.37
CA MET E 33 37.55 23.36 -9.91
C MET E 33 37.08 24.77 -9.49
N ILE E 34 35.91 24.89 -8.89
CA ILE E 34 35.42 26.23 -8.44
C ILE E 34 35.83 26.44 -6.98
N SER E 35 35.62 25.46 -6.09
CA SER E 35 36.02 25.56 -4.65
C SER E 35 36.36 24.17 -4.08
N SER E 36 37.32 24.12 -3.16
CA SER E 36 37.98 22.88 -2.65
C SER E 36 38.94 23.22 -1.51
N ALA E 37 39.19 22.27 -0.60
CA ALA E 37 40.26 22.48 0.42
C ALA E 37 41.56 21.70 0.11
N LEU E 38 41.61 20.85 -0.92
CA LEU E 38 42.73 19.85 -1.09
C LEU E 38 43.99 20.63 -1.45
N PRO E 39 45.21 20.00 -1.48
CA PRO E 39 46.38 20.55 -2.19
C PRO E 39 46.10 20.83 -3.69
N GLU E 40 46.64 21.92 -4.23
CA GLU E 40 46.41 22.34 -5.64
C GLU E 40 46.49 21.13 -6.60
N THR E 41 47.49 20.24 -6.46
CA THR E 41 47.70 19.20 -7.51
C THR E 41 46.52 18.23 -7.46
N GLU E 42 46.12 17.81 -6.27
CA GLU E 42 44.94 16.91 -6.12
C GLU E 42 43.72 17.59 -6.75
N GLN E 43 43.55 18.90 -6.58
CA GLN E 43 42.33 19.60 -7.07
C GLN E 43 42.14 19.37 -8.57
N GLU E 44 43.21 19.35 -9.36
CA GLU E 44 43.11 19.30 -10.84
C GLU E 44 42.80 17.86 -11.25
N ARG E 45 43.17 16.91 -10.40
CA ARG E 45 42.90 15.49 -10.70
C ARG E 45 41.45 15.13 -10.28
N VAL E 46 40.93 15.64 -9.16
CA VAL E 46 39.52 15.40 -8.73
C VAL E 46 38.56 16.16 -9.67
N ALA E 47 38.86 17.38 -10.10
CA ALA E 47 37.91 18.20 -10.90
C ALA E 47 37.72 17.55 -12.28
N ALA E 48 38.76 16.87 -12.76
CA ALA E 48 38.69 16.08 -14.00
C ALA E 48 37.84 14.82 -13.76
N ILE E 49 38.01 14.15 -12.62
CA ILE E 49 37.23 12.93 -12.28
C ILE E 49 35.73 13.28 -12.24
N SER E 50 35.38 14.37 -11.55
CA SER E 50 34.00 14.90 -11.35
C SER E 50 33.28 15.24 -12.64
N ALA E 51 33.93 15.92 -13.57
CA ALA E 51 33.51 16.03 -15.00
C ALA E 51 33.19 14.67 -15.60
N GLY E 52 34.14 13.70 -15.54
CA GLY E 52 33.94 12.34 -16.10
C GLY E 52 32.70 11.64 -15.52
N LEU E 53 32.50 11.73 -14.22
CA LEU E 53 31.30 11.11 -13.63
C LEU E 53 30.05 11.86 -14.08
N LEU E 54 30.13 13.15 -14.41
CA LEU E 54 28.97 13.92 -14.94
C LEU E 54 28.65 13.47 -16.37
N SER E 55 29.66 13.23 -17.23
CA SER E 55 29.49 12.69 -18.61
C SER E 55 28.73 11.35 -18.52
N LEU E 56 29.04 10.52 -17.55
CA LEU E 56 28.40 9.18 -17.50
C LEU E 56 27.00 9.32 -16.86
N GLY E 57 26.83 10.25 -15.94
CA GLY E 57 25.58 10.47 -15.19
C GLY E 57 24.41 10.89 -16.08
N GLU E 58 24.63 11.89 -16.95
CA GLU E 58 23.59 12.48 -17.85
C GLU E 58 23.43 11.60 -19.08
N LYS E 59 24.45 10.87 -19.47
CA LYS E 59 24.27 9.80 -20.46
C LYS E 59 23.40 8.62 -19.97
N ALA E 60 23.20 8.44 -18.67
CA ALA E 60 22.44 7.34 -18.05
C ALA E 60 20.94 7.72 -17.94
N THR E 61 20.62 9.01 -17.76
CA THR E 61 19.21 9.51 -17.69
C THR E 61 18.48 9.53 -19.04
N THR E 62 19.17 9.35 -20.19
CA THR E 62 18.56 9.48 -21.56
C THR E 62 17.80 8.19 -21.96
N GLU E 63 18.13 7.03 -21.34
CA GLU E 63 17.86 5.66 -21.86
C GLU E 63 16.35 5.37 -21.91
N LEU E 64 15.62 5.54 -20.80
CA LEU E 64 14.14 5.40 -20.79
C LEU E 64 13.46 6.65 -20.19
N ASP E 65 13.70 7.82 -20.80
CA ASP E 65 13.08 9.15 -20.48
C ASP E 65 13.08 9.38 -18.96
N ARG E 66 14.24 9.34 -18.32
CA ARG E 66 14.39 9.60 -16.87
C ARG E 66 14.49 11.11 -16.64
N GLY E 67 14.71 11.85 -17.73
CA GLY E 67 14.65 13.33 -17.76
C GLY E 67 16.00 13.96 -17.55
N ASN E 68 16.02 15.24 -17.18
CA ASN E 68 17.26 16.03 -16.95
C ASN E 68 18.00 15.47 -15.73
N PHE E 69 19.33 15.30 -15.82
CA PHE E 69 20.18 14.74 -14.73
C PHE E 69 20.06 15.55 -13.42
N LYS E 70 20.16 14.91 -12.24
CA LYS E 70 20.08 15.59 -10.90
C LYS E 70 21.15 15.08 -9.91
N GLU E 71 21.34 13.77 -9.75
CA GLU E 71 22.20 13.19 -8.68
C GLU E 71 22.67 11.76 -9.04
N VAL E 72 23.89 11.42 -8.61
CA VAL E 72 24.48 10.05 -8.71
CA VAL E 72 24.42 10.03 -8.70
C VAL E 72 24.93 9.62 -7.32
N TYR E 73 24.55 8.40 -6.86
CA TYR E 73 25.05 7.73 -5.62
C TYR E 73 25.80 6.42 -5.94
N VAL E 74 26.99 6.24 -5.30
CA VAL E 74 27.76 4.99 -5.41
C VAL E 74 28.21 4.59 -4.03
N LYS E 75 28.14 3.27 -3.79
CA LYS E 75 28.57 2.62 -2.53
C LYS E 75 29.58 1.51 -2.81
N GLY E 76 30.73 1.54 -2.12
CA GLY E 76 31.77 0.52 -2.24
C GLY E 76 32.08 -0.17 -0.91
N GLU E 77 32.97 -1.15 -0.90
CA GLU E 77 33.25 -1.91 0.35
C GLU E 77 33.96 -1.00 1.38
N LYS E 78 34.50 0.17 1.00
CA LYS E 78 35.25 1.09 1.93
C LYS E 78 34.69 2.53 2.03
N GLY E 79 33.58 2.90 1.34
CA GLY E 79 33.07 4.28 1.34
C GLY E 79 32.01 4.61 0.27
N TYR E 80 31.55 5.84 0.27
CA TYR E 80 30.43 6.40 -0.52
C TYR E 80 31.04 7.53 -1.35
N THR E 81 30.50 7.69 -2.55
CA THR E 81 30.62 8.89 -3.42
C THR E 81 29.25 9.46 -3.83
N LEU E 82 28.96 10.73 -3.53
CA LEU E 82 27.68 11.42 -3.84
C LEU E 82 28.02 12.59 -4.74
N LEU E 83 27.27 12.83 -5.81
CA LEU E 83 27.58 13.94 -6.72
C LEU E 83 26.24 14.57 -7.15
N THR E 84 25.93 15.81 -6.75
CA THR E 84 24.63 16.46 -7.06
CA THR E 84 24.62 16.48 -7.04
C THR E 84 24.85 17.62 -8.02
N SER E 85 23.83 17.95 -8.81
CA SER E 85 23.94 19.08 -9.76
C SER E 85 23.54 20.33 -8.98
N VAL E 86 24.37 21.37 -9.00
CA VAL E 86 24.06 22.68 -8.40
C VAL E 86 23.72 23.62 -9.57
N GLY E 87 22.44 23.67 -9.91
CA GLY E 87 21.90 24.31 -11.13
C GLY E 87 22.45 23.61 -12.36
N GLU E 88 22.33 24.25 -13.49
CA GLU E 88 23.15 23.92 -14.69
C GLU E 88 24.57 24.45 -14.44
N ASN E 89 25.52 24.02 -15.26
CA ASN E 89 26.91 24.57 -15.37
C ASN E 89 27.77 24.34 -14.12
N ALA E 90 27.29 23.66 -13.07
CA ALA E 90 28.07 23.42 -11.82
C ALA E 90 27.57 22.19 -11.05
N LEU E 91 28.47 21.58 -10.26
CA LEU E 91 28.18 20.33 -9.50
C LEU E 91 29.00 20.17 -8.21
N LEU E 92 28.39 19.52 -7.20
CA LEU E 92 29.02 19.23 -5.89
C LEU E 92 29.40 17.74 -5.75
N LEU E 93 30.63 17.44 -5.30
CA LEU E 93 31.13 16.04 -5.09
C LEU E 93 31.32 15.81 -3.61
N VAL E 94 30.91 14.68 -3.08
CA VAL E 94 31.04 14.43 -1.61
C VAL E 94 31.46 12.99 -1.41
N LEU E 95 32.51 12.74 -0.62
CA LEU E 95 33.03 11.39 -0.24
C LEU E 95 32.75 11.15 1.24
N ALA E 96 32.21 10.01 1.63
CA ALA E 96 31.77 9.66 3.01
C ALA E 96 32.37 8.35 3.42
N LYS E 97 32.53 8.16 4.73
CA LYS E 97 33.18 6.97 5.32
C LYS E 97 32.22 5.82 5.22
N ALA E 98 32.73 4.63 5.56
CA ALA E 98 31.96 3.36 5.54
C ALA E 98 30.87 3.41 6.60
N ASP E 99 31.05 4.18 7.66
CA ASP E 99 30.27 4.12 8.91
C ASP E 99 29.31 5.32 9.03
N ALA E 100 29.41 6.31 8.13
CA ALA E 100 28.66 7.61 8.11
C ALA E 100 27.15 7.44 7.96
N GLN E 101 26.39 8.20 8.76
CA GLN E 101 24.89 8.25 8.77
C GLN E 101 24.44 8.95 7.48
N ILE E 102 24.21 8.14 6.45
CA ILE E 102 23.86 8.57 5.07
C ILE E 102 22.62 9.47 5.04
N GLY E 103 21.60 9.23 5.91
CA GLY E 103 20.46 10.14 6.09
C GLY E 103 20.84 11.58 6.45
N LEU E 104 21.81 11.80 7.32
CA LEU E 104 22.19 13.21 7.65
C LEU E 104 22.95 13.83 6.44
N ILE E 105 23.78 13.06 5.75
CA ILE E 105 24.70 13.65 4.74
C ILE E 105 23.84 14.15 3.58
N PHE E 106 22.80 13.38 3.25
CA PHE E 106 21.77 13.71 2.23
C PHE E 106 21.01 14.98 2.57
N VAL E 107 20.31 15.05 3.71
CA VAL E 107 19.50 16.29 4.04
C VAL E 107 20.44 17.51 4.02
N ASP E 108 21.65 17.37 4.50
CA ASP E 108 22.62 18.51 4.56
C ASP E 108 23.08 18.81 3.13
N MET E 109 23.31 17.79 2.30
CA MET E 109 23.87 17.97 0.94
C MET E 109 22.86 18.70 0.08
N ARG E 110 21.60 18.29 0.16
CA ARG E 110 20.53 18.97 -0.61
C ARG E 110 20.40 20.43 -0.18
N ARG E 111 20.39 20.74 1.13
CA ARG E 111 20.26 22.14 1.66
C ARG E 111 21.44 23.02 1.17
N ILE E 112 22.65 22.46 1.15
CA ILE E 112 23.88 23.18 0.72
C ILE E 112 23.91 23.38 -0.81
N ALA E 113 23.40 22.41 -1.57
CA ALA E 113 23.12 22.55 -3.03
C ALA E 113 22.23 23.80 -3.24
N ASP E 114 21.12 23.97 -2.51
CA ASP E 114 20.19 25.09 -2.81
C ASP E 114 20.73 26.47 -2.38
N SER E 115 21.53 26.54 -1.33
CA SER E 115 22.36 27.70 -0.94
C SER E 115 23.42 28.01 -2.00
N LEU E 116 24.03 27.00 -2.60
CA LEU E 116 25.12 27.30 -3.59
C LEU E 116 24.43 27.79 -4.86
N LEU E 117 23.24 27.24 -5.14
CA LEU E 117 22.46 27.66 -6.33
C LEU E 117 22.24 29.16 -6.25
N GLU E 118 21.96 29.71 -5.05
CA GLU E 118 21.77 31.18 -4.87
C GLU E 118 23.06 31.95 -5.23
N ILE E 119 24.27 31.39 -5.07
CA ILE E 119 25.54 32.21 -5.02
C ILE E 119 26.36 32.10 -6.32
N LEU E 120 26.12 31.09 -7.15
CA LEU E 120 26.71 30.92 -8.51
C LEU E 120 25.84 31.64 -9.55
N VAL F 5 13.72 -21.84 -10.49
CA VAL F 5 13.59 -20.89 -11.62
C VAL F 5 12.33 -20.06 -11.45
N ASP F 6 11.16 -20.69 -11.54
CA ASP F 6 9.85 -20.08 -11.26
C ASP F 6 9.93 -19.25 -9.97
N ASN F 7 10.86 -19.61 -9.06
CA ASN F 7 11.01 -19.00 -7.70
C ASN F 7 11.81 -17.71 -7.85
N ILE F 8 12.65 -17.68 -8.89
CA ILE F 8 13.32 -16.45 -9.38
C ILE F 8 12.30 -15.50 -9.98
N ASN F 9 11.49 -15.91 -10.96
CA ASN F 9 10.50 -14.98 -11.59
C ASN F 9 9.57 -14.37 -10.52
N LYS F 10 9.02 -15.17 -9.62
CA LYS F 10 8.02 -14.63 -8.65
C LYS F 10 8.74 -13.63 -7.71
N THR F 11 9.98 -13.91 -7.30
CA THR F 11 10.74 -13.06 -6.36
C THR F 11 10.81 -11.66 -6.96
N ILE F 12 11.17 -11.56 -8.24
CA ILE F 12 11.33 -10.30 -9.02
C ILE F 12 9.94 -9.68 -9.19
N ARG F 13 8.94 -10.46 -9.59
CA ARG F 13 7.57 -9.92 -9.86
C ARG F 13 7.04 -9.29 -8.59
N ASP F 14 7.22 -9.93 -7.42
CA ASP F 14 6.67 -9.40 -6.14
C ASP F 14 7.28 -8.02 -5.81
N PHE F 15 8.54 -7.80 -6.21
CA PHE F 15 9.26 -6.52 -6.08
C PHE F 15 8.50 -5.40 -6.79
N GLU F 16 7.98 -5.68 -7.98
CA GLU F 16 7.24 -4.66 -8.77
C GLU F 16 5.87 -4.30 -8.19
N THR F 17 5.38 -4.96 -7.13
CA THR F 17 4.22 -4.41 -6.37
C THR F 17 4.64 -3.48 -5.21
N VAL F 18 5.91 -3.14 -5.03
CA VAL F 18 6.30 -2.22 -3.91
C VAL F 18 6.07 -0.78 -4.36
N PRO F 19 5.42 0.13 -3.58
CA PRO F 19 5.17 1.49 -4.08
C PRO F 19 6.42 2.17 -4.66
N GLY F 20 6.23 2.94 -5.75
CA GLY F 20 7.33 3.63 -6.44
C GLY F 20 8.02 2.76 -7.50
N VAL F 21 8.03 1.42 -7.36
CA VAL F 21 8.74 0.53 -8.33
C VAL F 21 7.88 0.45 -9.57
N GLU F 22 8.48 0.82 -10.71
CA GLU F 22 7.88 0.76 -12.05
C GLU F 22 8.23 -0.58 -12.75
N GLY F 23 9.40 -1.18 -12.52
CA GLY F 23 9.83 -2.44 -13.13
C GLY F 23 11.22 -2.90 -12.64
N ALA F 24 11.54 -4.15 -12.93
CA ALA F 24 12.80 -4.77 -12.43
C ALA F 24 13.28 -5.91 -13.35
N ALA F 25 14.60 -6.18 -13.39
CA ALA F 25 15.22 -7.09 -14.38
C ALA F 25 16.56 -7.57 -13.85
N LEU F 26 16.71 -8.89 -13.65
CA LEU F 26 17.99 -9.49 -13.16
C LEU F 26 18.74 -9.99 -14.38
N VAL F 27 19.94 -9.45 -14.64
CA VAL F 27 20.78 -9.64 -15.86
C VAL F 27 22.13 -10.22 -15.42
N SER F 28 22.89 -10.84 -16.37
CA SER F 28 24.34 -11.22 -16.29
C SER F 28 25.26 -9.98 -16.24
N ALA F 29 26.53 -10.14 -15.87
CA ALA F 29 27.57 -9.06 -15.89
C ALA F 29 27.76 -8.46 -17.30
N ASP F 30 27.37 -9.18 -18.38
CA ASP F 30 27.47 -8.73 -19.80
C ASP F 30 26.22 -7.96 -20.25
N GLY F 31 25.10 -8.15 -19.56
CA GLY F 31 23.82 -7.44 -19.82
C GLY F 31 22.76 -8.34 -20.46
N LEU F 32 22.94 -9.68 -20.45
CA LEU F 32 21.96 -10.58 -21.05
C LEU F 32 20.86 -10.77 -20.02
N MET F 33 19.61 -10.55 -20.42
CA MET F 33 18.46 -10.55 -19.49
C MET F 33 18.17 -11.97 -19.06
N ILE F 34 18.29 -12.24 -17.76
CA ILE F 34 17.90 -13.53 -17.14
C ILE F 34 16.36 -13.50 -16.94
N SER F 35 15.85 -12.56 -16.17
CA SER F 35 14.42 -12.56 -15.78
C SER F 35 13.88 -11.13 -15.83
N SER F 36 12.73 -10.85 -16.46
CA SER F 36 12.12 -9.50 -16.53
C SER F 36 10.66 -9.53 -17.01
N ALA F 37 9.77 -8.61 -16.57
CA ALA F 37 8.39 -8.51 -17.17
C ALA F 37 8.10 -7.10 -17.70
N LEU F 38 9.12 -6.34 -17.97
CA LEU F 38 8.95 -4.98 -18.52
C LEU F 38 8.21 -5.09 -19.85
N PRO F 39 7.54 -4.01 -20.34
CA PRO F 39 7.06 -3.96 -21.74
C PRO F 39 8.25 -4.17 -22.69
N GLU F 40 7.94 -4.71 -23.85
CA GLU F 40 8.94 -5.10 -24.87
C GLU F 40 9.93 -3.96 -25.09
N THR F 41 9.41 -2.75 -25.35
CA THR F 41 10.10 -1.49 -25.72
C THR F 41 11.25 -1.22 -24.73
N GLU F 42 10.99 -1.48 -23.45
CA GLU F 42 11.94 -1.26 -22.32
C GLU F 42 12.97 -2.39 -22.30
N GLN F 43 12.57 -3.63 -22.56
CA GLN F 43 13.56 -4.74 -22.67
C GLN F 43 14.67 -4.40 -23.68
N GLU F 44 14.34 -3.64 -24.72
CA GLU F 44 15.30 -3.24 -25.79
C GLU F 44 16.40 -2.34 -25.19
N ARG F 45 16.13 -1.61 -24.11
CA ARG F 45 17.10 -0.62 -23.54
C ARG F 45 17.94 -1.25 -22.41
N VAL F 46 17.57 -2.45 -21.94
CA VAL F 46 18.13 -2.98 -20.68
C VAL F 46 19.67 -3.04 -20.76
N ALA F 47 20.21 -3.55 -21.85
CA ALA F 47 21.66 -3.87 -21.95
C ALA F 47 22.46 -2.58 -21.91
N ALA F 48 22.05 -1.57 -22.67
CA ALA F 48 22.70 -0.23 -22.64
C ALA F 48 22.60 0.37 -21.21
N ILE F 49 21.52 0.15 -20.44
CA ILE F 49 21.35 0.76 -19.08
C ILE F 49 22.38 0.17 -18.12
N SER F 50 22.29 -1.14 -17.95
CA SER F 50 23.15 -1.92 -17.04
C SER F 50 24.60 -1.52 -17.25
N ALA F 51 25.04 -1.54 -18.52
CA ALA F 51 26.45 -1.38 -18.89
C ALA F 51 26.89 -0.03 -18.39
N GLY F 52 26.14 1.03 -18.71
CA GLY F 52 26.49 2.42 -18.30
C GLY F 52 26.58 2.54 -16.78
N LEU F 53 25.51 2.27 -16.06
CA LEU F 53 25.59 2.22 -14.57
C LEU F 53 26.78 1.40 -14.03
N LEU F 54 27.08 0.23 -14.59
CA LEU F 54 28.22 -0.58 -14.04
C LEU F 54 29.54 0.19 -14.12
N SER F 55 29.86 0.73 -15.31
CA SER F 55 31.13 1.43 -15.59
C SER F 55 31.19 2.73 -14.80
N LEU F 56 30.09 3.50 -14.72
CA LEU F 56 29.95 4.65 -13.79
C LEU F 56 30.33 4.24 -12.34
N GLY F 57 29.81 3.14 -11.82
CA GLY F 57 30.13 2.64 -10.46
C GLY F 57 31.59 2.20 -10.30
N GLU F 58 32.09 1.38 -11.22
CA GLU F 58 33.51 0.93 -11.22
C GLU F 58 34.39 2.16 -11.27
N LYS F 59 34.07 3.13 -12.10
CA LYS F 59 34.90 4.36 -12.25
C LYS F 59 34.99 5.08 -10.90
N ALA F 60 33.83 5.34 -10.27
CA ALA F 60 33.64 6.07 -9.00
C ALA F 60 34.40 5.39 -7.82
N THR F 61 34.36 4.06 -7.68
CA THR F 61 35.01 3.33 -6.55
C THR F 61 36.53 3.14 -6.77
N THR F 62 37.05 2.95 -7.99
CA THR F 62 38.53 2.76 -8.29
C THR F 62 39.34 4.08 -8.34
N GLU F 63 38.78 5.17 -8.88
CA GLU F 63 39.50 6.49 -8.94
C GLU F 63 39.42 7.27 -7.61
N LEU F 64 38.62 6.81 -6.61
CA LEU F 64 38.43 7.53 -5.31
C LEU F 64 38.55 6.57 -4.11
N ASP F 65 39.24 5.44 -4.27
CA ASP F 65 39.58 4.41 -3.24
C ASP F 65 38.39 4.06 -2.31
N ARG F 66 37.31 3.59 -2.91
CA ARG F 66 36.08 3.23 -2.14
C ARG F 66 36.03 1.72 -1.86
N GLY F 67 37.01 0.94 -2.33
CA GLY F 67 36.94 -0.54 -2.31
C GLY F 67 36.06 -1.03 -3.44
N ASN F 68 35.80 -2.35 -3.51
CA ASN F 68 35.00 -3.00 -4.58
C ASN F 68 33.54 -2.45 -4.63
N PHE F 69 33.04 -2.18 -5.83
CA PHE F 69 31.64 -1.82 -6.20
C PHE F 69 30.57 -2.71 -5.51
N LYS F 70 29.52 -2.11 -4.96
CA LYS F 70 28.30 -2.83 -4.48
C LYS F 70 26.98 -2.25 -5.03
N GLU F 71 26.78 -0.94 -5.07
CA GLU F 71 25.47 -0.36 -5.44
C GLU F 71 25.68 1.00 -6.18
N VAL F 72 24.77 1.37 -7.11
CA VAL F 72 24.73 2.65 -7.79
C VAL F 72 23.27 3.05 -7.99
N TYR F 73 22.91 4.32 -7.83
CA TYR F 73 21.70 4.86 -8.59
C TYR F 73 22.04 6.17 -9.32
N VAL F 74 21.21 6.48 -10.34
CA VAL F 74 21.08 7.83 -11.00
C VAL F 74 19.65 8.35 -10.84
N LYS F 75 19.49 9.63 -10.54
CA LYS F 75 18.19 10.32 -10.33
C LYS F 75 18.04 11.47 -11.31
N GLY F 76 16.89 11.51 -11.96
CA GLY F 76 16.29 12.59 -12.78
C GLY F 76 14.97 13.13 -12.19
N GLU F 77 14.41 14.19 -12.78
CA GLU F 77 13.18 14.84 -12.30
C GLU F 77 11.99 13.93 -12.50
N LYS F 78 12.07 12.98 -13.43
CA LYS F 78 11.02 11.99 -13.77
C LYS F 78 11.22 10.64 -13.06
N GLY F 79 12.41 10.28 -12.56
CA GLY F 79 12.57 8.96 -11.94
C GLY F 79 14.02 8.48 -11.76
N TYR F 80 14.16 7.25 -11.27
CA TYR F 80 15.46 6.73 -10.79
C TYR F 80 15.80 5.51 -11.62
N THR F 81 17.10 5.26 -11.71
CA THR F 81 17.61 3.99 -12.22
C THR F 81 18.63 3.44 -11.22
N LEU F 82 18.38 2.25 -10.68
CA LEU F 82 19.22 1.62 -9.65
C LEU F 82 19.82 0.30 -10.14
N LEU F 83 20.98 -0.08 -9.57
CA LEU F 83 21.71 -1.30 -9.97
CA LEU F 83 21.71 -1.28 -9.96
C LEU F 83 22.50 -1.78 -8.77
N THR F 84 22.29 -3.04 -8.40
CA THR F 84 23.02 -3.66 -7.23
C THR F 84 23.72 -4.92 -7.71
N SER F 85 24.89 -5.25 -7.16
CA SER F 85 25.55 -6.52 -7.52
C SER F 85 24.76 -7.68 -6.88
N VAL F 86 24.49 -8.65 -7.71
CA VAL F 86 24.03 -9.95 -7.18
C VAL F 86 25.12 -10.99 -7.51
N GLY F 87 25.96 -11.27 -6.52
CA GLY F 87 27.15 -12.13 -6.64
C GLY F 87 28.14 -11.52 -7.60
N GLU F 88 28.93 -12.37 -8.29
CA GLU F 88 30.01 -11.98 -9.22
C GLU F 88 29.46 -11.92 -10.67
N ASN F 89 28.47 -12.72 -11.10
CA ASN F 89 28.06 -12.76 -12.54
C ASN F 89 26.61 -12.28 -12.87
N ALA F 90 25.89 -11.61 -11.97
CA ALA F 90 24.50 -11.10 -12.14
C ALA F 90 24.32 -9.75 -11.41
N LEU F 91 23.37 -8.95 -11.88
CA LEU F 91 23.01 -7.62 -11.37
C LEU F 91 21.48 -7.47 -11.30
N LEU F 92 21.01 -6.74 -10.31
CA LEU F 92 19.55 -6.41 -10.26
C LEU F 92 19.36 -4.92 -10.61
N LEU F 93 18.75 -4.64 -11.75
CA LEU F 93 18.35 -3.31 -12.24
C LEU F 93 16.89 -3.06 -11.87
N VAL F 94 16.59 -1.85 -11.40
CA VAL F 94 15.23 -1.45 -10.99
C VAL F 94 14.95 -0.02 -11.55
N LEU F 95 13.72 0.25 -11.88
CA LEU F 95 13.19 1.56 -12.34
C LEU F 95 12.16 2.04 -11.33
N ALA F 96 12.31 3.28 -10.87
CA ALA F 96 11.48 3.81 -9.78
C ALA F 96 10.96 5.18 -10.17
N LYS F 97 9.75 5.51 -9.66
CA LYS F 97 9.05 6.81 -9.86
C LYS F 97 9.84 7.95 -9.16
N ALA F 98 9.58 9.20 -9.51
CA ALA F 98 10.23 10.41 -8.95
C ALA F 98 9.88 10.53 -7.47
N ASP F 99 8.64 10.21 -7.09
CA ASP F 99 8.14 10.36 -5.69
C ASP F 99 8.44 9.09 -4.86
N ALA F 100 9.23 8.14 -5.36
CA ALA F 100 9.61 6.91 -4.62
C ALA F 100 10.37 7.28 -3.34
N GLN F 101 10.35 6.42 -2.32
CA GLN F 101 11.16 6.46 -1.06
C GLN F 101 12.33 5.48 -1.20
N ILE F 102 13.50 5.97 -1.63
CA ILE F 102 14.70 5.14 -1.97
C ILE F 102 15.22 4.34 -0.77
N GLY F 103 14.92 4.72 0.46
CA GLY F 103 15.34 3.96 1.66
C GLY F 103 14.54 2.71 1.92
N LEU F 104 13.24 2.76 1.63
CA LEU F 104 12.46 1.50 1.51
C LEU F 104 12.97 0.67 0.34
N ILE F 105 13.28 1.31 -0.79
CA ILE F 105 13.54 0.53 -2.05
C ILE F 105 14.87 -0.20 -1.86
N PHE F 106 15.87 0.49 -1.34
CA PHE F 106 17.21 -0.09 -1.01
C PHE F 106 17.18 -1.11 0.15
N VAL F 107 16.27 -0.99 1.11
CA VAL F 107 15.99 -2.09 2.09
C VAL F 107 15.47 -3.30 1.34
N ASP F 108 14.46 -3.11 0.49
CA ASP F 108 13.82 -4.16 -0.34
C ASP F 108 14.82 -4.80 -1.33
N MET F 109 15.61 -4.00 -2.05
CA MET F 109 16.58 -4.54 -3.00
C MET F 109 17.66 -5.37 -2.27
N ARG F 110 18.11 -4.94 -1.09
CA ARG F 110 19.20 -5.61 -0.31
C ARG F 110 18.70 -6.97 0.16
N ARG F 111 17.46 -7.06 0.65
CA ARG F 111 16.83 -8.32 1.14
C ARG F 111 16.66 -9.22 -0.07
N ILE F 112 16.24 -8.64 -1.19
CA ILE F 112 16.00 -9.45 -2.42
C ILE F 112 17.34 -10.06 -2.87
N ALA F 113 18.40 -9.27 -3.07
CA ALA F 113 19.67 -9.77 -3.64
C ALA F 113 20.20 -10.92 -2.79
N ASP F 114 20.03 -10.88 -1.47
CA ASP F 114 20.47 -11.90 -0.48
C ASP F 114 19.57 -13.14 -0.47
N SER F 115 18.30 -13.01 -0.87
CA SER F 115 17.39 -14.17 -1.07
C SER F 115 17.78 -14.90 -2.35
N LEU F 116 18.04 -14.19 -3.44
CA LEU F 116 18.62 -14.78 -4.68
C LEU F 116 20.07 -15.30 -4.46
N LEU F 117 20.85 -14.80 -3.46
CA LEU F 117 22.24 -15.29 -3.13
C LEU F 117 22.23 -16.73 -2.58
N GLU F 118 21.07 -17.36 -2.47
CA GLU F 118 21.08 -18.76 -1.97
C GLU F 118 20.30 -19.66 -2.94
N ILE F 119 19.56 -19.15 -3.93
CA ILE F 119 18.56 -20.00 -4.65
C ILE F 119 18.60 -19.82 -6.19
N LEU F 120 19.77 -19.61 -6.82
CA LEU F 120 19.91 -19.44 -8.30
C LEU F 120 19.67 -20.77 -9.09
#